data_3UU2
#
_entry.id   3UU2
#
_cell.length_a   182.201
_cell.length_b   108.568
_cell.length_c   113.391
_cell.angle_alpha   90.00
_cell.angle_beta   117.83
_cell.angle_gamma   90.00
#
_symmetry.space_group_name_H-M   'C 1 2 1'
#
_entity_poly.entity_id   1
_entity_poly.type   'polypeptide(L)'
_entity_poly.pdbx_seq_one_letter_code
;AEIYNKDGNKLDLFGKVDGLHYFSDDKGSDGDQTYMRIGFKGETQVNDQLTGYGQWEYQIQGNQTEGSNDSWTRVAFAGL
KFADAGSFDYGRNYGVTYDVTSWTDVLPEFGGDTYGADNFMQQRGNGYATYRNTDFFGLVDGLDFALQYQGKNGSVSGEN
TNGRSLLNQNGDGYGGSLTYAIGEGFSVGGAITTSKRTADQNNTANARLYGNGDRATVYTGGLKYDANNIYLAAQYSQTY
NATRFGTSNGSNPSTSYGFANKAQNFEVVAQYQFDFGLRPSVAYLQSKGKDISNGYGASYGDQDIVKYVDVGATYYFNKN
MSTYVDYKINLLDKNDFTRDAGINTDDIVALGLVYQF
;
_entity_poly.pdbx_strand_id   A,B,C
#
# COMPACT_ATOMS: atom_id res chain seq x y z
N ALA A 1 0.78 -9.53 -15.38
CA ALA A 1 1.33 -10.89 -14.99
C ALA A 1 0.16 -11.62 -14.30
N GLU A 2 -0.45 -12.58 -15.01
CA GLU A 2 -1.46 -13.44 -14.38
C GLU A 2 -0.85 -14.38 -13.35
N ILE A 3 -1.34 -14.26 -12.15
CA ILE A 3 -0.71 -14.86 -11.02
C ILE A 3 -1.55 -16.04 -10.55
N TYR A 4 -2.68 -16.27 -11.20
CA TYR A 4 -3.59 -17.30 -10.76
C TYR A 4 -4.67 -17.54 -11.78
N ASN A 5 -4.82 -18.82 -12.13
CA ASN A 5 -5.90 -19.35 -12.96
C ASN A 5 -6.22 -20.77 -12.50
N LYS A 6 -7.50 -21.00 -12.22
CA LYS A 6 -8.00 -22.24 -11.63
C LYS A 6 -9.52 -22.17 -11.38
N ASP A 7 -10.22 -23.17 -11.92
CA ASP A 7 -11.69 -23.26 -11.84
C ASP A 7 -12.36 -21.93 -12.16
N GLY A 8 -12.07 -21.41 -13.35
CA GLY A 8 -12.70 -20.23 -13.90
C GLY A 8 -12.59 -18.98 -13.06
N ASN A 9 -11.49 -18.87 -12.31
CA ASN A 9 -11.17 -17.65 -11.55
C ASN A 9 -9.74 -17.20 -11.86
N LYS A 10 -9.57 -16.02 -12.43
CA LYS A 10 -8.23 -15.57 -12.87
C LYS A 10 -7.81 -14.20 -12.35
N LEU A 11 -6.62 -14.11 -11.80
CA LEU A 11 -6.15 -12.84 -11.26
C LEU A 11 -4.85 -12.27 -11.89
N ASP A 12 -4.94 -11.38 -12.89
CA ASP A 12 -3.74 -10.67 -13.38
C ASP A 12 -3.41 -9.65 -12.33
N LEU A 13 -2.22 -9.78 -11.75
CA LEU A 13 -1.67 -8.76 -10.90
C LEU A 13 -0.68 -7.97 -11.73
N PHE A 14 -0.99 -6.71 -11.99
CA PHE A 14 -0.20 -5.91 -12.91
C PHE A 14 0.48 -4.78 -12.18
N GLY A 15 1.41 -4.12 -12.85
CA GLY A 15 1.99 -2.90 -12.29
C GLY A 15 3.34 -2.57 -12.82
N LYS A 16 3.94 -1.49 -12.30
CA LYS A 16 5.19 -0.99 -12.85
C LYS A 16 5.89 0.08 -12.03
N VAL A 17 7.21 0.14 -12.17
CA VAL A 17 8.00 1.21 -11.64
C VAL A 17 8.34 1.94 -12.87
N ASP A 18 7.89 3.19 -12.94
CA ASP A 18 8.24 4.05 -14.06
C ASP A 18 9.23 5.05 -13.53
N GLY A 19 10.39 5.15 -14.18
CA GLY A 19 11.41 6.09 -13.76
C GLY A 19 11.31 7.22 -14.74
N LEU A 20 11.40 8.46 -14.26
CA LEU A 20 11.34 9.63 -15.14
C LEU A 20 11.70 10.85 -14.36
N HIS A 21 12.42 11.76 -15.03
CA HIS A 21 12.99 13.00 -14.42
C HIS A 21 12.77 14.25 -15.30
N TYR A 22 11.80 15.07 -14.90
CA TYR A 22 11.38 16.25 -15.65
C TYR A 22 12.45 17.29 -15.74
N PHE A 23 12.56 17.92 -16.91
CA PHE A 23 13.45 19.06 -17.09
C PHE A 23 12.62 20.29 -17.41
N SER A 24 12.97 21.40 -16.78
CA SER A 24 12.22 22.64 -16.95
C SER A 24 12.94 23.84 -16.37
N ASP A 25 12.47 25.03 -16.75
CA ASP A 25 12.82 26.24 -16.04
C ASP A 25 11.80 26.43 -14.92
N ASP A 26 10.62 25.86 -15.08
CA ASP A 26 9.64 25.71 -13.99
C ASP A 26 10.23 24.85 -12.85
N LYS A 27 9.95 25.23 -11.60
CA LYS A 27 10.46 24.48 -10.43
C LYS A 27 9.43 23.63 -9.70
N GLY A 28 8.15 23.80 -10.05
CA GLY A 28 7.12 22.86 -9.63
C GLY A 28 7.08 21.64 -10.52
N SER A 29 8.08 21.52 -11.41
CA SER A 29 8.17 20.42 -12.39
C SER A 29 9.56 19.84 -12.58
N ASP A 30 10.59 20.67 -12.52
CA ASP A 30 11.96 20.16 -12.53
C ASP A 30 12.14 19.24 -11.31
N GLY A 31 12.82 18.13 -11.51
CA GLY A 31 13.00 17.16 -10.42
C GLY A 31 12.75 15.72 -10.84
N ASP A 32 12.78 14.83 -9.87
CA ASP A 32 12.59 13.42 -10.11
C ASP A 32 11.15 13.15 -9.80
N GLN A 33 10.42 12.51 -10.70
CA GLN A 33 9.08 12.01 -10.34
C GLN A 33 8.90 10.54 -10.63
N THR A 34 9.90 9.70 -10.40
CA THR A 34 9.66 8.26 -10.47
C THR A 34 8.55 7.86 -9.50
N TYR A 35 7.41 7.47 -10.07
CA TYR A 35 6.33 6.85 -9.34
C TYR A 35 6.28 5.38 -9.73
N MET A 36 5.24 4.70 -9.24
CA MET A 36 5.06 3.27 -9.52
C MET A 36 3.63 2.91 -9.26
N ARG A 37 3.24 1.74 -9.75
CA ARG A 37 1.83 1.37 -9.80
C ARG A 37 1.71 -0.04 -9.47
N ILE A 38 0.67 -0.36 -8.72
CA ILE A 38 0.28 -1.73 -8.54
C ILE A 38 -1.20 -1.75 -8.84
N GLY A 39 -1.70 -2.93 -9.14
CA GLY A 39 -3.13 -3.16 -9.20
C GLY A 39 -3.42 -4.52 -9.75
N PHE A 40 -4.60 -5.05 -9.43
CA PHE A 40 -5.03 -6.37 -9.94
C PHE A 40 -6.39 -6.33 -10.66
N LYS A 41 -6.55 -7.11 -11.72
CA LYS A 41 -7.87 -7.39 -12.23
C LYS A 41 -8.28 -8.77 -11.72
N GLY A 42 -9.47 -8.89 -11.13
CA GLY A 42 -9.95 -10.19 -10.68
C GLY A 42 -11.16 -10.69 -11.46
N GLU A 43 -11.42 -11.98 -11.39
CA GLU A 43 -12.44 -12.60 -12.23
C GLU A 43 -12.87 -13.90 -11.61
N THR A 44 -14.09 -14.28 -11.96
CA THR A 44 -14.76 -15.43 -11.39
C THR A 44 -15.96 -15.67 -12.31
N GLN A 45 -15.92 -16.77 -13.08
CA GLN A 45 -17.12 -17.17 -13.84
C GLN A 45 -18.11 -17.85 -12.86
N VAL A 46 -19.33 -17.31 -12.78
CA VAL A 46 -20.35 -17.88 -11.87
C VAL A 46 -21.20 -18.90 -12.59
N ASN A 47 -21.66 -18.57 -13.80
CA ASN A 47 -22.40 -19.50 -14.61
C ASN A 47 -22.16 -19.15 -16.05
N ASP A 48 -22.13 -20.14 -16.94
CA ASP A 48 -22.00 -19.91 -18.38
C ASP A 48 -22.39 -18.53 -18.85
N GLN A 49 -23.28 -17.90 -18.10
CA GLN A 49 -23.86 -16.62 -18.47
C GLN A 49 -23.05 -15.43 -17.93
N LEU A 50 -22.99 -15.29 -16.59
CA LEU A 50 -22.32 -14.11 -16.00
C LEU A 50 -20.83 -14.31 -15.66
N THR A 51 -20.23 -13.27 -15.09
CA THR A 51 -18.93 -13.36 -14.45
C THR A 51 -18.98 -12.28 -13.40
N GLY A 52 -18.37 -12.54 -12.24
CA GLY A 52 -18.20 -11.50 -11.25
C GLY A 52 -16.77 -11.04 -11.25
N TYR A 53 -16.48 -9.89 -11.86
CA TYR A 53 -15.12 -9.41 -11.81
C TYR A 53 -14.86 -8.46 -10.63
N GLY A 54 -13.71 -7.80 -10.61
CA GLY A 54 -13.36 -6.86 -9.56
C GLY A 54 -12.06 -6.30 -10.06
N GLN A 55 -11.75 -5.04 -9.73
CA GLN A 55 -10.58 -4.36 -10.31
C GLN A 55 -10.06 -3.18 -9.52
N TRP A 56 -8.77 -3.19 -9.27
CA TRP A 56 -8.19 -2.20 -8.43
C TRP A 56 -6.87 -1.76 -9.02
N GLU A 57 -6.36 -0.64 -8.56
CA GLU A 57 -5.06 -0.16 -9.00
C GLU A 57 -4.71 1.10 -8.26
N TYR A 58 -3.56 1.15 -7.60
CA TYR A 58 -3.26 2.39 -6.93
C TYR A 58 -1.90 2.90 -7.38
N GLN A 59 -1.67 4.19 -7.20
CA GLN A 59 -0.40 4.79 -7.48
C GLN A 59 0.22 5.18 -6.16
N ILE A 60 1.54 5.23 -6.17
CA ILE A 60 2.30 5.62 -5.05
C ILE A 60 3.59 6.14 -5.67
N GLN A 61 4.10 7.24 -5.13
CA GLN A 61 5.26 7.94 -5.68
C GLN A 61 6.58 7.29 -5.25
N GLY A 62 7.67 7.77 -5.82
CA GLY A 62 8.98 7.31 -5.45
C GLY A 62 9.86 8.50 -5.21
N ASN A 63 9.50 9.65 -5.78
CA ASN A 63 10.26 10.87 -5.58
C ASN A 63 10.16 11.37 -4.16
N GLN A 64 9.01 11.19 -3.54
CA GLN A 64 8.83 11.61 -2.15
C GLN A 64 9.87 10.89 -1.30
N THR A 65 10.52 11.66 -0.44
CA THR A 65 11.57 11.18 0.42
C THR A 65 10.91 10.34 1.51
N GLU A 66 11.72 9.74 2.37
CA GLU A 66 11.19 8.84 3.40
C GLU A 66 10.23 9.53 4.37
N GLY A 67 9.52 8.77 5.17
CA GLY A 67 8.52 9.32 6.08
C GLY A 67 7.23 9.82 5.42
N SER A 68 7.34 10.38 4.22
CA SER A 68 6.22 10.96 3.49
C SER A 68 5.65 9.99 2.44
N ASN A 69 4.35 10.06 2.19
CA ASN A 69 3.63 8.95 1.54
C ASN A 69 2.58 9.29 0.44
N ASP A 70 3.01 9.88 -0.67
CA ASP A 70 2.04 10.34 -1.67
C ASP A 70 1.31 9.24 -2.46
N SER A 71 0.26 8.65 -1.87
CA SER A 71 -0.46 7.49 -2.45
C SER A 71 -1.86 7.83 -2.88
N TRP A 72 -2.51 6.94 -3.67
CA TRP A 72 -3.96 7.05 -4.06
C TRP A 72 -4.59 6.03 -5.02
N THR A 73 -5.79 5.55 -4.69
CA THR A 73 -6.51 4.66 -5.60
C THR A 73 -6.92 5.36 -6.88
N ARG A 74 -6.23 4.96 -7.97
CA ARG A 74 -6.61 5.24 -9.36
C ARG A 74 -8.03 4.72 -9.72
N VAL A 75 -8.18 3.38 -9.77
CA VAL A 75 -9.48 2.70 -9.93
C VAL A 75 -9.67 1.52 -8.95
N ALA A 76 -10.90 1.37 -8.49
CA ALA A 76 -11.20 0.30 -7.58
C ALA A 76 -12.69 0.01 -7.62
N PHE A 77 -13.08 -1.00 -8.39
CA PHE A 77 -14.48 -1.27 -8.62
C PHE A 77 -14.77 -2.75 -8.79
N ALA A 78 -15.98 -3.14 -8.37
CA ALA A 78 -16.49 -4.49 -8.59
C ALA A 78 -17.76 -4.42 -9.42
N GLY A 79 -17.97 -5.44 -10.26
CA GLY A 79 -19.22 -5.56 -11.02
C GLY A 79 -19.64 -6.97 -11.44
N LEU A 80 -20.56 -7.04 -12.39
CA LEU A 80 -20.97 -8.33 -12.94
C LEU A 80 -21.01 -8.27 -14.47
N LYS A 81 -21.15 -9.42 -15.13
CA LYS A 81 -21.08 -9.51 -16.60
C LYS A 81 -21.93 -10.64 -17.21
N PHE A 82 -23.11 -10.31 -17.75
CA PHE A 82 -24.05 -11.29 -18.37
C PHE A 82 -23.90 -11.38 -19.90
N ALA A 83 -24.19 -12.57 -20.43
CA ALA A 83 -24.05 -12.93 -21.85
C ALA A 83 -24.79 -12.01 -22.81
N ASP A 84 -24.04 -11.11 -23.43
CA ASP A 84 -24.56 -10.16 -24.42
C ASP A 84 -25.52 -9.08 -23.86
N ALA A 85 -25.65 -9.01 -22.54
CA ALA A 85 -26.34 -7.88 -21.89
C ALA A 85 -25.33 -6.84 -21.43
N GLY A 86 -24.04 -7.12 -21.67
CA GLY A 86 -22.99 -6.23 -21.24
C GLY A 86 -22.74 -6.37 -19.75
N SER A 87 -22.49 -5.25 -19.07
CA SER A 87 -22.04 -5.26 -17.66
C SER A 87 -22.28 -3.97 -16.87
N PHE A 88 -22.60 -4.16 -15.60
CA PHE A 88 -22.66 -3.07 -14.63
C PHE A 88 -21.65 -3.27 -13.53
N ASP A 89 -21.08 -2.15 -13.08
CA ASP A 89 -20.07 -2.11 -12.03
C ASP A 89 -19.97 -0.74 -11.41
N TYR A 90 -20.06 -0.72 -10.09
CA TYR A 90 -20.02 0.50 -9.31
C TYR A 90 -18.81 0.51 -8.41
N GLY A 91 -18.05 1.62 -8.47
CA GLY A 91 -16.93 1.89 -7.56
C GLY A 91 -16.21 3.17 -7.95
N ARG A 92 -15.00 3.38 -7.46
CA ARG A 92 -14.14 4.41 -8.02
C ARG A 92 -13.70 3.99 -9.43
N ASN A 93 -14.14 4.75 -10.44
CA ASN A 93 -13.89 4.34 -11.83
C ASN A 93 -13.73 5.54 -12.73
N TYR A 94 -13.67 5.30 -14.04
CA TYR A 94 -13.57 6.38 -15.03
C TYR A 94 -14.95 7.01 -15.35
N GLY A 95 -14.99 8.33 -15.50
CA GLY A 95 -16.19 8.97 -16.03
C GLY A 95 -16.38 8.48 -17.45
N VAL A 96 -17.63 8.36 -17.88
CA VAL A 96 -17.92 7.76 -19.17
C VAL A 96 -17.71 8.75 -20.32
N THR A 97 -17.28 9.95 -19.94
CA THR A 97 -16.73 10.90 -20.89
C THR A 97 -15.33 10.47 -21.36
N TYR A 98 -14.61 9.70 -20.55
CA TYR A 98 -13.32 9.22 -20.98
C TYR A 98 -13.42 8.35 -22.22
N ASP A 99 -14.45 7.50 -22.31
CA ASP A 99 -14.72 6.64 -23.50
C ASP A 99 -14.30 7.21 -24.86
N VAL A 100 -14.53 8.50 -25.05
CA VAL A 100 -14.14 9.19 -26.28
C VAL A 100 -12.87 10.02 -26.06
N THR A 101 -12.87 10.87 -25.03
CA THR A 101 -11.70 11.66 -24.64
C THR A 101 -10.40 10.85 -24.64
N SER A 102 -10.54 9.54 -24.39
CA SER A 102 -9.44 8.55 -24.27
C SER A 102 -8.53 8.56 -25.46
N TRP A 103 -9.12 8.53 -26.65
CA TRP A 103 -8.37 8.29 -27.84
C TRP A 103 -7.24 9.29 -28.01
N THR A 104 -7.37 10.49 -27.42
CA THR A 104 -6.35 11.56 -27.51
C THR A 104 -5.25 11.48 -26.47
N ASP A 105 -5.57 10.96 -25.29
CA ASP A 105 -4.53 10.68 -24.30
C ASP A 105 -3.81 9.43 -24.74
N VAL A 106 -2.64 9.59 -25.35
CA VAL A 106 -1.82 8.48 -25.75
C VAL A 106 -0.35 8.87 -25.72
N LEU A 107 -0.08 10.15 -25.47
CA LEU A 107 1.28 10.69 -25.50
C LEU A 107 2.18 9.89 -24.58
N PRO A 108 3.51 9.92 -24.82
CA PRO A 108 4.38 9.23 -23.89
C PRO A 108 4.08 9.69 -22.46
N GLU A 109 4.25 10.99 -22.17
CA GLU A 109 3.97 11.54 -20.81
C GLU A 109 2.81 12.55 -20.67
N PHE A 110 2.75 13.58 -21.52
CA PHE A 110 1.86 14.73 -21.27
C PHE A 110 0.57 14.69 -22.07
N GLY A 111 -0.35 13.85 -21.62
CA GLY A 111 -1.63 13.67 -22.29
C GLY A 111 -2.80 14.09 -21.44
N GLY A 112 -4.01 13.83 -21.95
CA GLY A 112 -5.25 14.24 -21.32
C GLY A 112 -5.15 15.70 -20.90
N ASP A 113 -5.06 15.89 -19.59
CA ASP A 113 -4.76 17.18 -18.94
C ASP A 113 -5.57 18.45 -19.33
N THR A 114 -6.51 18.31 -20.27
CA THR A 114 -7.52 19.33 -20.50
C THR A 114 -8.75 19.01 -19.65
N TYR A 115 -8.73 17.77 -19.12
CA TYR A 115 -9.65 17.28 -18.11
C TYR A 115 -8.80 16.69 -17.02
N GLY A 116 -9.31 16.69 -15.80
CA GLY A 116 -8.60 16.12 -14.66
C GLY A 116 -9.35 15.00 -13.94
N ALA A 117 -8.62 14.22 -13.14
CA ALA A 117 -9.23 13.23 -12.27
C ALA A 117 -10.05 13.94 -11.19
N ASP A 118 -11.31 13.51 -11.01
CA ASP A 118 -12.26 14.16 -10.09
C ASP A 118 -12.69 15.54 -10.64
N ASN A 119 -12.59 15.68 -11.95
CA ASN A 119 -12.99 16.89 -12.65
C ASN A 119 -14.36 16.68 -13.28
N PHE A 120 -15.38 16.62 -12.41
CA PHE A 120 -16.79 16.40 -12.77
C PHE A 120 -17.08 15.51 -13.98
N MET A 121 -16.48 14.30 -13.95
CA MET A 121 -16.79 13.16 -14.85
C MET A 121 -15.92 12.94 -16.08
N GLN A 122 -15.31 14.01 -16.63
CA GLN A 122 -14.50 13.87 -17.85
C GLN A 122 -13.38 12.81 -17.75
N GLN A 123 -12.87 12.62 -16.52
CA GLN A 123 -11.87 11.57 -16.19
C GLN A 123 -12.37 10.64 -15.06
N ARG A 124 -11.47 10.19 -14.20
CA ARG A 124 -11.83 9.39 -13.04
C ARG A 124 -12.71 10.09 -12.01
N GLY A 125 -13.06 9.37 -10.94
CA GLY A 125 -13.86 9.91 -9.80
C GLY A 125 -14.42 8.87 -8.84
N ASN A 126 -15.22 9.29 -7.86
CA ASN A 126 -15.76 8.37 -6.85
C ASN A 126 -17.26 8.12 -6.91
N GLY A 127 -17.64 6.85 -6.70
CA GLY A 127 -19.05 6.45 -6.57
C GLY A 127 -19.77 6.10 -7.85
N TYR A 128 -19.03 5.95 -8.95
CA TYR A 128 -19.60 5.73 -10.29
C TYR A 128 -20.32 4.40 -10.52
N ALA A 129 -21.63 4.48 -10.80
CA ALA A 129 -22.37 3.35 -11.31
C ALA A 129 -22.23 3.39 -12.83
N THR A 130 -22.05 2.22 -13.43
CA THR A 130 -21.65 2.14 -14.84
C THR A 130 -22.26 0.98 -15.59
N TYR A 131 -23.18 1.27 -16.51
CA TYR A 131 -23.61 0.27 -17.46
C TYR A 131 -23.13 0.61 -18.87
N ARG A 132 -22.18 -0.20 -19.35
CA ARG A 132 -21.71 -0.14 -20.73
C ARG A 132 -22.06 -1.45 -21.40
N ASN A 133 -22.35 -1.39 -22.69
CA ASN A 133 -22.76 -2.58 -23.41
C ASN A 133 -22.03 -2.74 -24.74
N THR A 134 -21.62 -3.98 -24.99
CA THR A 134 -20.56 -4.29 -25.94
C THR A 134 -21.01 -5.14 -27.13
N ASP A 135 -20.82 -4.60 -28.34
CA ASP A 135 -21.34 -5.18 -29.61
C ASP A 135 -22.87 -5.11 -29.67
N PHE A 136 -23.40 -3.96 -29.26
CA PHE A 136 -24.84 -3.73 -29.05
C PHE A 136 -25.65 -5.00 -28.84
N PHE A 137 -25.57 -5.56 -27.64
CA PHE A 137 -26.37 -6.74 -27.28
C PHE A 137 -26.21 -7.94 -28.25
N GLY A 138 -25.03 -8.07 -28.88
CA GLY A 138 -24.75 -9.21 -29.77
C GLY A 138 -25.47 -9.27 -31.11
N LEU A 139 -26.06 -8.14 -31.52
CA LEU A 139 -26.70 -8.00 -32.83
C LEU A 139 -26.02 -6.96 -33.72
N VAL A 140 -25.43 -5.93 -33.12
CA VAL A 140 -24.64 -4.94 -33.86
C VAL A 140 -23.15 -4.99 -33.45
N ASP A 141 -22.35 -5.67 -34.26
CA ASP A 141 -20.90 -5.81 -34.05
C ASP A 141 -20.17 -4.49 -34.34
N GLY A 142 -19.33 -4.05 -33.41
CA GLY A 142 -18.54 -2.84 -33.61
C GLY A 142 -19.20 -1.55 -33.12
N LEU A 143 -20.31 -1.70 -32.41
CA LEU A 143 -20.97 -0.57 -31.78
C LEU A 143 -21.10 -0.78 -30.28
N ASP A 144 -20.51 0.14 -29.53
CA ASP A 144 -20.52 0.06 -28.09
C ASP A 144 -21.16 1.32 -27.54
N PHE A 145 -21.64 1.24 -26.30
CA PHE A 145 -22.26 2.38 -25.64
C PHE A 145 -22.31 2.21 -24.13
N ALA A 146 -22.30 3.32 -23.41
CA ALA A 146 -22.42 3.29 -21.97
C ALA A 146 -23.29 4.42 -21.44
N LEU A 147 -24.07 4.09 -20.42
CA LEU A 147 -24.95 5.05 -19.76
C LEU A 147 -24.59 5.03 -18.28
N GLN A 148 -24.16 6.18 -17.77
CA GLN A 148 -23.53 6.23 -16.45
C GLN A 148 -24.25 7.14 -15.45
N TYR A 149 -24.00 6.85 -14.17
CA TYR A 149 -24.56 7.58 -13.04
C TYR A 149 -23.43 7.86 -12.05
N GLN A 150 -23.52 8.98 -11.32
CA GLN A 150 -22.44 9.39 -10.40
C GLN A 150 -22.84 9.39 -8.92
N GLY A 151 -21.82 9.30 -8.06
CA GLY A 151 -21.97 9.56 -6.63
C GLY A 151 -21.54 10.99 -6.32
N LYS A 152 -21.97 11.53 -5.18
CA LYS A 152 -21.83 12.96 -4.84
C LYS A 152 -20.40 13.53 -4.71
N GLY A 171 -21.07 16.14 -6.25
CA GLY A 171 -22.52 16.24 -6.46
C GLY A 171 -23.05 15.17 -7.40
N ASP A 172 -24.37 15.08 -7.51
CA ASP A 172 -25.04 14.07 -8.35
C ASP A 172 -24.83 14.30 -9.85
N GLY A 173 -24.67 13.21 -10.59
CA GLY A 173 -24.37 13.30 -12.02
C GLY A 173 -24.78 12.12 -12.89
N TYR A 174 -24.64 12.33 -14.20
CA TYR A 174 -25.07 11.38 -15.21
C TYR A 174 -24.24 11.61 -16.46
N GLY A 175 -24.28 10.65 -17.36
CA GLY A 175 -23.58 10.75 -18.60
C GLY A 175 -23.79 9.52 -19.45
N GLY A 176 -23.50 9.68 -20.73
CA GLY A 176 -23.62 8.60 -21.67
C GLY A 176 -22.57 8.72 -22.75
N SER A 177 -22.24 7.59 -23.33
CA SER A 177 -21.21 7.53 -24.34
C SER A 177 -21.54 6.44 -25.33
N LEU A 178 -21.13 6.68 -26.58
CA LEU A 178 -21.33 5.70 -27.63
C LEU A 178 -20.08 5.71 -28.49
N THR A 179 -19.42 4.57 -28.54
CA THR A 179 -18.34 4.37 -29.50
C THR A 179 -18.93 3.64 -30.71
N TYR A 180 -18.19 3.65 -31.82
CA TYR A 180 -18.60 2.95 -33.04
C TYR A 180 -17.39 2.81 -33.95
N ALA A 181 -17.00 1.57 -34.20
CA ALA A 181 -15.92 1.27 -35.12
C ALA A 181 -16.56 1.06 -36.46
N ILE A 182 -16.61 2.15 -37.23
CA ILE A 182 -17.43 2.23 -38.45
C ILE A 182 -17.01 1.21 -39.53
N GLY A 183 -15.92 0.51 -39.24
CA GLY A 183 -15.28 -0.35 -40.21
C GLY A 183 -13.84 0.10 -40.24
N GLU A 184 -12.99 -0.77 -40.78
CA GLU A 184 -11.57 -0.49 -40.87
C GLU A 184 -10.98 -0.25 -39.45
N GLY A 185 -10.59 0.99 -39.15
CA GLY A 185 -10.02 1.34 -37.84
C GLY A 185 -10.61 2.65 -37.37
N PHE A 186 -11.38 3.27 -38.26
CA PHE A 186 -12.13 4.47 -37.97
C PHE A 186 -13.10 4.24 -36.82
N SER A 187 -12.66 4.55 -35.60
CA SER A 187 -13.60 4.71 -34.52
C SER A 187 -14.34 6.03 -34.73
N VAL A 188 -15.63 6.05 -34.39
CA VAL A 188 -16.33 7.31 -34.16
C VAL A 188 -16.97 7.22 -32.77
N GLY A 189 -17.05 8.36 -32.10
CA GLY A 189 -17.43 8.36 -30.70
C GLY A 189 -18.09 9.63 -30.24
N GLY A 190 -19.07 9.45 -29.36
CA GLY A 190 -19.74 10.55 -28.73
C GLY A 190 -19.99 10.24 -27.29
N ALA A 191 -20.03 11.28 -26.48
CA ALA A 191 -20.36 11.13 -25.08
C ALA A 191 -20.99 12.40 -24.56
N ILE A 192 -22.08 12.24 -23.82
CA ILE A 192 -22.68 13.35 -23.11
C ILE A 192 -22.63 13.04 -21.64
N THR A 193 -22.47 14.09 -20.83
CA THR A 193 -22.54 13.96 -19.39
C THR A 193 -23.03 15.26 -18.78
N THR A 194 -23.52 15.16 -17.55
CA THR A 194 -24.03 16.30 -16.80
C THR A 194 -23.82 15.97 -15.33
N SER A 195 -23.55 17.01 -14.53
CA SER A 195 -23.46 16.86 -13.08
C SER A 195 -23.71 18.23 -12.45
N LYS A 196 -24.11 18.26 -11.18
CA LYS A 196 -24.74 19.47 -10.60
C LYS A 196 -23.92 20.16 -9.50
N ALA A 216 -23.42 21.86 -14.58
CA ALA A 216 -22.26 21.48 -15.40
C ALA A 216 -22.37 20.15 -16.17
N THR A 217 -22.53 20.30 -17.48
CA THR A 217 -22.66 19.19 -18.40
C THR A 217 -21.53 19.30 -19.40
N VAL A 218 -21.34 18.26 -20.19
CA VAL A 218 -20.32 18.26 -21.23
C VAL A 218 -20.73 17.35 -22.38
N TYR A 219 -20.50 17.81 -23.60
CA TYR A 219 -20.59 16.96 -24.79
C TYR A 219 -19.22 16.31 -25.01
N THR A 220 -19.06 15.49 -26.04
CA THR A 220 -17.75 14.89 -26.31
C THR A 220 -17.69 14.13 -27.61
N GLY A 221 -16.90 14.65 -28.54
CA GLY A 221 -16.78 14.05 -29.85
C GLY A 221 -15.35 13.76 -30.19
N GLY A 222 -15.11 12.52 -30.63
CA GLY A 222 -13.79 12.09 -31.08
C GLY A 222 -13.87 11.14 -32.25
N LEU A 223 -12.82 11.13 -33.08
CA LEU A 223 -12.70 10.19 -34.20
C LEU A 223 -11.27 9.65 -34.21
N LYS A 224 -11.14 8.34 -34.03
CA LYS A 224 -9.82 7.73 -34.04
C LYS A 224 -9.58 6.92 -35.32
N TYR A 225 -8.37 7.03 -35.86
CA TYR A 225 -7.90 6.06 -36.85
C TYR A 225 -6.88 5.10 -36.24
N ASP A 226 -7.14 3.80 -36.40
CA ASP A 226 -6.27 2.77 -35.88
C ASP A 226 -6.08 1.70 -36.95
N ALA A 227 -4.85 1.55 -37.45
CA ALA A 227 -4.52 0.56 -38.49
C ALA A 227 -3.20 0.87 -39.21
N ASN A 228 -2.59 -0.20 -39.72
CA ASN A 228 -1.26 -0.15 -40.34
C ASN A 228 -0.26 0.82 -39.71
N ASN A 229 -0.07 0.59 -38.40
CA ASN A 229 0.84 1.32 -37.51
C ASN A 229 0.56 2.81 -37.36
N ILE A 230 -0.59 3.25 -37.87
CA ILE A 230 -0.94 4.67 -37.88
C ILE A 230 -1.96 4.96 -36.78
N TYR A 231 -1.62 5.82 -35.83
CA TYR A 231 -2.64 6.23 -34.88
C TYR A 231 -2.93 7.70 -35.01
N LEU A 232 -4.12 7.99 -35.53
CA LEU A 232 -4.59 9.36 -35.68
C LEU A 232 -5.92 9.49 -34.95
N ALA A 233 -5.88 10.11 -33.78
CA ALA A 233 -7.09 10.37 -33.05
C ALA A 233 -7.15 11.82 -32.60
N ALA A 234 -8.34 12.41 -32.75
CA ALA A 234 -8.60 13.76 -32.32
C ALA A 234 -9.93 13.77 -31.62
N GLN A 235 -10.09 14.68 -30.67
CA GLN A 235 -11.31 14.80 -29.91
C GLN A 235 -11.46 16.20 -29.35
N TYR A 236 -12.70 16.71 -29.29
CA TYR A 236 -12.98 17.96 -28.57
C TYR A 236 -14.42 18.07 -28.03
N SER A 237 -14.66 19.06 -27.16
CA SER A 237 -16.02 19.34 -26.65
C SER A 237 -16.25 20.72 -26.00
N GLN A 238 -17.48 20.94 -25.52
CA GLN A 238 -17.86 22.13 -24.74
C GLN A 238 -18.40 21.75 -23.35
N THR A 239 -18.34 22.68 -22.40
CA THR A 239 -18.71 22.43 -20.99
C THR A 239 -19.55 23.55 -20.33
N TYR A 240 -19.87 23.39 -19.04
CA TYR A 240 -20.40 24.48 -18.21
C TYR A 240 -19.38 24.88 -17.15
N ALA A 263 -15.56 27.86 -22.47
CA ALA A 263 -15.40 26.52 -21.93
C ALA A 263 -15.49 25.45 -23.01
N GLN A 264 -14.55 25.48 -23.97
CA GLN A 264 -14.56 24.58 -25.11
C GLN A 264 -13.15 24.15 -25.47
N ASN A 265 -12.85 22.86 -25.35
CA ASN A 265 -11.49 22.39 -25.55
C ASN A 265 -11.31 21.34 -26.63
N PHE A 266 -10.11 21.28 -27.18
CA PHE A 266 -9.78 20.35 -28.24
C PHE A 266 -8.48 19.60 -27.97
N GLU A 267 -8.27 18.47 -28.67
CA GLU A 267 -7.00 17.74 -28.65
C GLU A 267 -6.89 16.75 -29.82
N VAL A 268 -5.73 16.77 -30.50
CA VAL A 268 -5.41 15.83 -31.60
C VAL A 268 -4.00 15.27 -31.41
N VAL A 269 -3.77 14.06 -31.91
CA VAL A 269 -2.51 13.37 -31.73
C VAL A 269 -2.26 12.39 -32.86
N ALA A 270 -1.02 12.36 -33.35
CA ALA A 270 -0.68 11.49 -34.45
C ALA A 270 0.65 10.78 -34.27
N GLN A 271 0.59 9.45 -34.32
CA GLN A 271 1.75 8.56 -34.10
C GLN A 271 1.93 7.57 -35.23
N TYR A 272 3.18 7.22 -35.49
CA TYR A 272 3.48 6.00 -36.21
C TYR A 272 4.25 5.06 -35.31
N GLN A 273 4.09 3.76 -35.59
CA GLN A 273 4.71 2.68 -34.82
C GLN A 273 5.80 2.00 -35.64
N PHE A 274 7.04 2.44 -35.46
CA PHE A 274 8.20 1.85 -36.14
C PHE A 274 8.44 0.40 -35.71
N ASP A 275 8.90 -0.43 -36.65
CA ASP A 275 8.92 -1.89 -36.47
C ASP A 275 9.92 -2.46 -35.48
N PHE A 276 11.14 -1.93 -35.47
CA PHE A 276 12.09 -2.27 -34.41
C PHE A 276 11.61 -1.78 -33.01
N GLY A 277 10.51 -1.03 -33.01
CA GLY A 277 9.83 -0.64 -31.77
C GLY A 277 10.10 0.77 -31.33
N LEU A 278 9.43 1.74 -31.96
CA LEU A 278 9.55 3.14 -31.56
C LEU A 278 8.34 3.91 -32.07
N ARG A 279 7.65 4.55 -31.15
CA ARG A 279 6.40 5.20 -31.50
C ARG A 279 6.56 6.71 -31.39
N PRO A 280 7.11 7.36 -32.43
CA PRO A 280 7.10 8.83 -32.42
C PRO A 280 5.67 9.38 -32.19
N SER A 281 5.56 10.63 -31.74
CA SER A 281 4.23 11.28 -31.63
C SER A 281 4.25 12.81 -31.67
N VAL A 282 3.62 13.37 -32.70
CA VAL A 282 3.29 14.78 -32.74
C VAL A 282 1.85 14.85 -32.23
N ALA A 283 1.61 15.79 -31.33
CA ALA A 283 0.29 15.97 -30.73
C ALA A 283 0.06 17.41 -30.34
N TYR A 284 -1.17 17.86 -30.53
CA TYR A 284 -1.57 19.21 -30.14
C TYR A 284 -2.90 19.19 -29.41
N LEU A 285 -3.01 20.06 -28.41
CA LEU A 285 -4.27 20.27 -27.70
C LEU A 285 -4.37 21.68 -27.14
N GLN A 286 -5.61 22.17 -27.03
CA GLN A 286 -5.88 23.47 -26.46
C GLN A 286 -7.18 23.50 -25.65
N SER A 287 -7.50 24.68 -25.12
CA SER A 287 -8.69 24.92 -24.32
C SER A 287 -8.89 26.41 -24.10
N LYS A 288 -10.03 26.93 -24.55
CA LYS A 288 -10.39 28.31 -24.31
C LYS A 288 -11.62 28.36 -23.41
N GLY A 289 -11.97 29.55 -22.93
CA GLY A 289 -13.08 29.68 -21.99
C GLY A 289 -13.96 30.92 -22.09
N LYS A 290 -14.55 31.27 -20.95
CA LYS A 290 -15.43 32.43 -20.78
C LYS A 290 -15.08 33.20 -19.48
N ASP A 291 -16.04 33.89 -18.88
CA ASP A 291 -15.84 34.63 -17.61
C ASP A 291 -15.37 33.74 -16.47
N ILE A 292 -14.64 34.32 -15.52
CA ILE A 292 -14.06 33.56 -14.39
C ILE A 292 -14.10 34.30 -13.02
N SER A 293 -13.73 33.58 -11.95
CA SER A 293 -14.04 33.94 -10.55
C SER A 293 -13.03 33.45 -9.51
N ASN A 294 -12.14 34.34 -9.00
CA ASN A 294 -11.18 33.92 -7.94
C ASN A 294 -11.88 33.73 -6.59
N GLY A 295 -12.29 32.47 -6.36
CA GLY A 295 -12.91 32.00 -5.14
C GLY A 295 -14.26 32.64 -4.95
N TYR A 296 -14.23 33.80 -4.30
CA TYR A 296 -15.40 34.64 -4.11
C TYR A 296 -15.11 36.02 -4.69
N GLY A 297 -15.38 36.17 -5.99
CA GLY A 297 -15.10 37.42 -6.71
C GLY A 297 -13.94 37.24 -7.67
N ALA A 298 -13.58 38.34 -8.34
CA ALA A 298 -12.52 38.38 -9.38
C ALA A 298 -13.02 37.97 -10.78
N SER A 299 -13.26 38.98 -11.64
CA SER A 299 -13.81 38.80 -13.02
C SER A 299 -12.77 38.81 -14.17
N TYR A 300 -12.58 37.63 -14.77
CA TYR A 300 -11.35 37.27 -15.51
C TYR A 300 -11.36 37.28 -17.07
N GLY A 301 -12.46 37.67 -17.71
CA GLY A 301 -12.55 37.66 -19.19
C GLY A 301 -12.41 36.28 -19.85
N ASP A 302 -12.02 36.24 -21.13
CA ASP A 302 -11.90 34.98 -21.92
C ASP A 302 -10.49 34.67 -22.42
N GLN A 303 -9.72 33.89 -21.67
CA GLN A 303 -8.36 33.58 -22.11
C GLN A 303 -8.13 32.09 -22.35
N ASP A 304 -6.93 31.72 -22.78
CA ASP A 304 -6.60 30.32 -23.05
C ASP A 304 -6.09 29.63 -21.79
N ILE A 305 -6.58 28.40 -21.57
CA ILE A 305 -6.25 27.63 -20.37
C ILE A 305 -4.91 26.88 -20.53
N VAL A 306 -4.92 25.80 -21.31
CA VAL A 306 -3.68 25.06 -21.60
C VAL A 306 -3.60 24.70 -23.08
N LYS A 307 -2.58 25.23 -23.75
CA LYS A 307 -2.35 24.98 -25.18
C LYS A 307 -0.89 24.71 -25.48
N TYR A 308 -0.61 23.56 -26.09
CA TYR A 308 0.75 23.21 -26.49
C TYR A 308 0.83 22.21 -27.64
N VAL A 309 1.90 22.34 -28.42
CA VAL A 309 2.32 21.33 -29.38
C VAL A 309 3.23 20.35 -28.65
N ASP A 310 3.35 19.16 -29.18
CA ASP A 310 4.13 18.14 -28.49
C ASP A 310 4.77 17.15 -29.46
N VAL A 311 6.09 17.07 -29.40
CA VAL A 311 6.78 15.94 -29.97
C VAL A 311 7.21 15.00 -28.84
N GLY A 312 7.01 13.70 -29.06
CA GLY A 312 7.47 12.71 -28.12
C GLY A 312 7.80 11.44 -28.85
N ALA A 313 8.70 10.65 -28.28
CA ALA A 313 8.91 9.30 -28.76
C ALA A 313 9.10 8.32 -27.60
N THR A 314 8.39 7.19 -27.67
CA THR A 314 8.59 6.00 -26.83
C THR A 314 9.35 4.94 -27.62
N TYR A 315 10.33 4.30 -26.98
CA TYR A 315 10.98 3.12 -27.56
C TYR A 315 10.50 1.88 -26.83
N TYR A 316 10.13 0.86 -27.59
CA TYR A 316 9.54 -0.32 -27.01
C TYR A 316 10.49 -1.49 -27.13
N PHE A 317 11.26 -1.76 -26.07
CA PHE A 317 12.15 -2.92 -26.03
C PHE A 317 11.35 -4.17 -26.26
N ASN A 318 10.51 -4.50 -25.28
CA ASN A 318 9.46 -5.47 -25.43
C ASN A 318 8.33 -5.01 -24.53
N LYS A 319 7.28 -5.82 -24.42
CA LYS A 319 6.10 -5.55 -23.58
C LYS A 319 6.58 -4.92 -22.28
N ASN A 320 7.38 -5.68 -21.58
CA ASN A 320 7.71 -5.36 -20.22
C ASN A 320 8.43 -4.05 -19.98
N MET A 321 9.13 -3.52 -20.99
CA MET A 321 10.06 -2.40 -20.71
C MET A 321 10.27 -1.36 -21.80
N SER A 322 9.84 -0.16 -21.49
CA SER A 322 9.81 0.87 -22.48
C SER A 322 10.75 1.90 -22.00
N THR A 323 11.01 2.87 -22.87
CA THR A 323 11.87 3.97 -22.57
C THR A 323 11.48 5.09 -23.51
N TYR A 324 11.41 6.31 -22.96
CA TYR A 324 10.72 7.42 -23.64
C TYR A 324 11.16 8.84 -23.33
N VAL A 325 11.30 9.65 -24.37
CA VAL A 325 11.49 11.11 -24.21
C VAL A 325 10.33 11.87 -24.84
N ASP A 326 9.93 12.94 -24.18
CA ASP A 326 8.75 13.67 -24.55
C ASP A 326 8.99 15.13 -24.31
N TYR A 327 8.63 15.95 -25.30
CA TYR A 327 8.96 17.37 -25.30
C TYR A 327 7.68 18.20 -25.40
N LYS A 328 7.16 18.62 -24.25
CA LYS A 328 6.06 19.57 -24.24
C LYS A 328 6.60 20.90 -24.74
N ILE A 329 6.06 21.35 -25.87
CA ILE A 329 6.45 22.65 -26.46
C ILE A 329 5.34 23.66 -26.12
N ASN A 330 5.50 24.33 -24.99
CA ASN A 330 4.42 25.17 -24.46
C ASN A 330 4.24 26.49 -25.20
N LEU A 331 3.02 27.00 -25.13
CA LEU A 331 2.66 28.18 -25.88
C LEU A 331 2.26 29.34 -24.96
N LEU A 332 1.55 29.00 -23.88
CA LEU A 332 0.95 29.98 -22.97
C LEU A 332 1.85 31.15 -22.60
N ASP A 333 1.24 32.32 -22.45
CA ASP A 333 1.97 33.55 -22.19
C ASP A 333 1.81 33.99 -20.74
N LYS A 334 2.94 34.22 -20.05
CA LYS A 334 2.95 34.65 -18.65
C LYS A 334 2.17 35.96 -18.37
N ASN A 335 1.01 35.82 -17.72
CA ASN A 335 0.17 36.96 -17.31
C ASN A 335 -0.62 36.68 -16.03
N ASP A 336 -1.29 37.71 -15.50
CA ASP A 336 -2.12 37.60 -14.28
C ASP A 336 -3.01 36.37 -14.11
N PHE A 337 -3.45 35.80 -15.22
CA PHE A 337 -4.08 34.49 -15.20
C PHE A 337 -3.07 33.48 -14.67
N THR A 338 -2.05 33.22 -15.48
CA THR A 338 -1.08 32.14 -15.22
C THR A 338 -0.11 32.44 -14.06
N ARG A 339 -0.51 33.36 -13.18
CA ARG A 339 0.21 33.62 -11.92
C ARG A 339 -0.60 33.16 -10.69
N ASP A 340 -1.80 33.74 -10.51
CA ASP A 340 -2.68 33.39 -9.37
C ASP A 340 -3.25 31.98 -9.40
N ALA A 341 -3.58 31.54 -10.62
CA ALA A 341 -4.03 30.19 -10.85
C ALA A 341 -2.81 29.28 -10.81
N GLY A 342 -1.66 29.85 -11.15
CA GLY A 342 -0.42 29.10 -11.17
C GLY A 342 -0.42 28.04 -12.27
N ILE A 343 -0.94 28.43 -13.44
CA ILE A 343 -0.82 27.58 -14.63
C ILE A 343 0.54 27.84 -15.26
N ASN A 344 1.26 26.76 -15.53
CA ASN A 344 2.61 26.82 -16.07
C ASN A 344 2.65 27.24 -17.53
N THR A 345 3.70 27.98 -17.86
CA THR A 345 3.90 28.59 -19.17
C THR A 345 5.17 28.06 -19.82
N ASP A 346 5.97 27.34 -19.05
CA ASP A 346 7.27 26.86 -19.51
C ASP A 346 7.16 25.56 -20.28
N ASP A 347 7.73 25.55 -21.49
CA ASP A 347 7.92 24.31 -22.23
C ASP A 347 8.78 23.40 -21.37
N ILE A 348 8.39 22.12 -21.29
CA ILE A 348 9.04 21.15 -20.40
C ILE A 348 9.26 19.76 -21.02
N VAL A 349 10.22 19.03 -20.48
CA VAL A 349 10.73 17.87 -21.19
C VAL A 349 11.12 16.76 -20.22
N ALA A 350 10.70 15.54 -20.54
CA ALA A 350 10.91 14.41 -19.63
C ALA A 350 11.34 13.12 -20.29
N LEU A 351 12.21 12.42 -19.58
CA LEU A 351 12.81 11.18 -19.99
C LEU A 351 12.33 10.20 -18.97
N GLY A 352 12.11 8.96 -19.39
CA GLY A 352 11.78 7.89 -18.45
C GLY A 352 12.12 6.47 -18.85
N LEU A 353 12.37 5.64 -17.83
CA LEU A 353 12.60 4.21 -18.00
C LEU A 353 11.57 3.43 -17.16
N VAL A 354 10.54 2.95 -17.84
CA VAL A 354 9.44 2.22 -17.20
C VAL A 354 9.74 0.76 -17.28
N TYR A 355 9.46 0.08 -16.19
CA TYR A 355 9.39 -1.37 -16.18
C TYR A 355 8.02 -1.74 -15.72
N GLN A 356 7.33 -2.56 -16.50
CA GLN A 356 6.00 -2.98 -16.13
C GLN A 356 5.88 -4.47 -16.25
N PHE A 357 4.91 -4.98 -15.49
CA PHE A 357 4.57 -6.39 -15.45
C PHE A 357 3.06 -6.60 -15.53
N ALA B 1 9.85 -15.82 -2.51
CA ALA B 1 8.67 -16.29 -3.33
C ALA B 1 8.62 -15.67 -4.74
N GLU B 2 9.31 -16.28 -5.72
CA GLU B 2 9.18 -15.92 -7.20
C GLU B 2 7.82 -16.36 -7.81
N ILE B 3 6.87 -15.44 -7.86
CA ILE B 3 5.50 -15.80 -8.12
C ILE B 3 5.21 -16.06 -9.59
N TYR B 4 6.11 -15.63 -10.47
CA TYR B 4 5.84 -15.80 -11.89
C TYR B 4 7.14 -15.75 -12.62
N ASN B 5 7.32 -16.74 -13.50
CA ASN B 5 8.48 -16.92 -14.35
C ASN B 5 8.03 -17.63 -15.58
N LYS B 6 8.18 -16.98 -16.72
CA LYS B 6 7.66 -17.50 -17.97
C LYS B 6 8.22 -16.62 -19.05
N ASP B 7 8.42 -17.22 -20.21
CA ASP B 7 8.83 -16.49 -21.43
C ASP B 7 9.86 -15.39 -21.06
N GLY B 8 10.79 -15.81 -20.20
CA GLY B 8 11.93 -15.02 -19.73
C GLY B 8 11.58 -13.72 -19.03
N ASN B 9 10.41 -13.65 -18.39
CA ASN B 9 10.08 -12.56 -17.45
C ASN B 9 9.67 -13.18 -16.13
N LYS B 10 10.48 -12.93 -15.12
CA LYS B 10 10.27 -13.45 -13.77
C LYS B 10 9.68 -12.31 -12.92
N LEU B 11 9.14 -12.62 -11.75
CA LEU B 11 8.74 -11.55 -10.87
C LEU B 11 8.64 -12.08 -9.46
N ASP B 12 9.75 -12.00 -8.76
CA ASP B 12 9.75 -12.36 -7.38
C ASP B 12 9.09 -11.23 -6.63
N LEU B 13 8.04 -11.61 -5.91
CA LEU B 13 7.42 -10.76 -4.90
C LEU B 13 7.77 -11.27 -3.50
N PHE B 14 8.32 -10.36 -2.72
CA PHE B 14 8.91 -10.65 -1.43
C PHE B 14 8.32 -9.74 -0.39
N GLY B 15 8.42 -10.17 0.85
CA GLY B 15 7.98 -9.35 1.92
C GLY B 15 8.28 -10.04 3.22
N LYS B 16 7.61 -9.53 4.26
CA LYS B 16 7.85 -9.95 5.62
C LYS B 16 7.05 -9.13 6.61
N VAL B 17 6.52 -9.82 7.61
CA VAL B 17 6.01 -9.20 8.84
C VAL B 17 7.01 -9.50 9.97
N ASP B 18 7.73 -8.46 10.38
CA ASP B 18 8.74 -8.56 11.43
C ASP B 18 8.32 -7.89 12.75
N GLY B 19 7.83 -8.68 13.69
CA GLY B 19 7.42 -8.14 14.97
C GLY B 19 8.53 -8.03 15.99
N LEU B 20 8.67 -6.86 16.58
CA LEU B 20 9.58 -6.69 17.71
C LEU B 20 9.05 -5.67 18.72
N HIS B 21 8.99 -6.11 19.98
CA HIS B 21 8.73 -5.24 21.13
C HIS B 21 10.08 -4.81 21.65
N TYR B 22 10.39 -3.55 21.41
CA TYR B 22 11.55 -2.94 22.01
C TYR B 22 11.34 -2.91 23.50
N PHE B 23 12.42 -2.75 24.23
CA PHE B 23 12.31 -2.41 25.62
C PHE B 23 13.25 -1.24 25.88
N SER B 24 12.80 -0.31 26.72
CA SER B 24 13.61 0.83 27.13
C SER B 24 13.03 1.48 28.37
N ASP B 25 13.87 2.23 29.08
CA ASP B 25 13.39 3.20 30.06
C ASP B 25 12.76 4.38 29.30
N ASP B 26 13.34 4.71 28.14
CA ASP B 26 12.84 5.76 27.25
C ASP B 26 11.48 5.38 26.68
N LYS B 27 10.62 6.37 26.50
CA LYS B 27 9.27 6.15 25.96
C LYS B 27 9.19 6.30 24.43
N GLY B 28 10.25 6.84 23.83
CA GLY B 28 10.37 6.93 22.38
C GLY B 28 10.62 5.58 21.74
N SER B 29 11.23 4.66 22.49
CA SER B 29 11.54 3.32 21.99
C SER B 29 10.67 2.22 22.59
N ASP B 30 10.50 2.26 23.91
CA ASP B 30 9.78 1.23 24.65
C ASP B 30 8.34 1.04 24.15
N GLY B 31 8.08 -0.13 23.61
CA GLY B 31 6.77 -0.47 23.03
C GLY B 31 6.78 -1.44 21.86
N ASP B 32 5.65 -1.49 21.16
CA ASP B 32 5.47 -2.34 19.99
C ASP B 32 5.85 -1.61 18.70
N GLN B 33 6.89 -2.11 18.02
CA GLN B 33 7.17 -1.74 16.64
C GLN B 33 7.06 -3.00 15.80
N THR B 34 5.82 -3.46 15.59
CA THR B 34 5.53 -4.51 14.62
C THR B 34 5.29 -3.90 13.23
N TYR B 35 6.28 -4.08 12.37
CA TYR B 35 6.26 -3.52 11.04
C TYR B 35 6.22 -4.62 9.89
N MET B 36 6.30 -4.21 8.61
CA MET B 36 6.13 -5.12 7.47
C MET B 36 6.55 -4.47 6.15
N ARG B 37 7.08 -5.28 5.22
CA ARG B 37 7.53 -4.80 3.92
C ARG B 37 7.02 -5.71 2.85
N ILE B 38 6.34 -5.12 1.88
CA ILE B 38 6.01 -5.80 0.62
C ILE B 38 6.80 -5.20 -0.52
N GLY B 39 6.95 -5.96 -1.58
CA GLY B 39 7.55 -5.40 -2.74
C GLY B 39 7.81 -6.48 -3.72
N PHE B 40 8.39 -6.09 -4.85
CA PHE B 40 8.75 -7.04 -5.87
C PHE B 40 10.04 -6.67 -6.57
N LYS B 41 10.79 -7.70 -6.98
CA LYS B 41 11.84 -7.58 -7.99
C LYS B 41 11.23 -8.11 -9.29
N GLY B 42 11.38 -7.35 -10.38
CA GLY B 42 10.91 -7.78 -11.72
C GLY B 42 12.00 -7.80 -12.79
N GLU B 43 11.95 -8.83 -13.65
CA GLU B 43 12.92 -9.08 -14.72
C GLU B 43 12.28 -9.24 -16.11
N THR B 44 13.09 -9.05 -17.14
CA THR B 44 12.60 -9.27 -18.50
C THR B 44 13.78 -9.45 -19.41
N GLN B 45 14.00 -10.67 -19.93
CA GLN B 45 15.08 -10.84 -20.90
C GLN B 45 14.66 -10.22 -22.21
N VAL B 46 15.51 -9.36 -22.74
CA VAL B 46 15.21 -8.66 -23.96
C VAL B 46 16.01 -9.34 -25.07
N ASN B 47 17.22 -9.79 -24.73
CA ASN B 47 18.21 -10.36 -25.66
C ASN B 47 19.13 -11.41 -25.05
N ASP B 48 20.05 -11.89 -25.87
CA ASP B 48 21.26 -12.57 -25.42
C ASP B 48 21.96 -11.66 -24.43
N GLN B 49 21.74 -10.36 -24.66
CA GLN B 49 22.58 -9.31 -24.14
C GLN B 49 21.91 -8.59 -22.97
N LEU B 50 20.78 -7.94 -23.21
CA LEU B 50 20.23 -7.15 -22.13
C LEU B 50 19.00 -7.78 -21.51
N THR B 51 18.77 -7.45 -20.24
CA THR B 51 17.49 -7.72 -19.60
C THR B 51 17.11 -6.43 -18.89
N GLY B 52 15.84 -6.08 -18.89
CA GLY B 52 15.37 -4.91 -18.16
C GLY B 52 14.89 -5.35 -16.81
N TYR B 53 15.10 -4.54 -15.78
CA TYR B 53 14.55 -4.88 -14.48
C TYR B 53 13.76 -3.74 -13.84
N GLY B 54 13.31 -3.96 -12.61
CA GLY B 54 12.56 -2.93 -11.90
C GLY B 54 12.21 -3.50 -10.55
N GLN B 55 12.26 -2.65 -9.54
CA GLN B 55 12.21 -3.15 -8.17
C GLN B 55 11.69 -2.09 -7.20
N TRP B 56 10.83 -2.53 -6.30
CA TRP B 56 10.15 -1.63 -5.39
C TRP B 56 9.79 -2.50 -4.24
N GLU B 57 10.10 -2.01 -3.03
CA GLU B 57 9.72 -2.62 -1.74
C GLU B 57 9.48 -1.51 -0.70
N TYR B 58 8.24 -1.06 -0.54
CA TYR B 58 8.05 -0.03 0.46
C TYR B 58 7.44 -0.50 1.80
N GLN B 59 7.82 0.20 2.87
CA GLN B 59 7.56 -0.14 4.27
C GLN B 59 6.16 0.21 4.75
N ILE B 60 5.74 -0.46 5.83
CA ILE B 60 4.51 -0.15 6.54
C ILE B 60 4.68 -0.56 8.00
N GLN B 61 3.93 0.11 8.87
CA GLN B 61 3.95 -0.10 10.32
C GLN B 61 2.72 -0.85 10.78
N GLY B 62 2.90 -1.70 11.79
CA GLY B 62 1.79 -2.34 12.46
C GLY B 62 1.62 -1.74 13.84
N ASN B 63 2.48 -0.77 14.18
CA ASN B 63 2.42 -0.11 15.47
C ASN B 63 1.48 1.08 15.52
N GLN B 64 1.42 1.88 14.46
CA GLN B 64 0.43 2.95 14.40
C GLN B 64 -0.97 2.35 14.47
N THR B 65 -1.93 3.17 14.90
CA THR B 65 -3.27 2.69 15.18
C THR B 65 -4.13 2.80 13.94
N GLU B 66 -5.42 2.52 14.09
CA GLU B 66 -6.36 2.53 12.96
C GLU B 66 -6.75 3.95 12.51
N GLY B 67 -6.77 4.18 11.21
CA GLY B 67 -7.03 5.50 10.63
C GLY B 67 -5.73 6.17 10.20
N SER B 68 -4.74 6.14 11.10
CA SER B 68 -3.43 6.75 10.90
C SER B 68 -2.47 5.76 10.25
N ASN B 69 -1.64 6.26 9.35
CA ASN B 69 -0.98 5.45 8.30
C ASN B 69 0.53 5.73 8.13
N ASP B 70 1.41 4.88 8.65
CA ASP B 70 2.83 5.20 8.52
C ASP B 70 3.67 4.38 7.52
N SER B 71 3.59 4.77 6.24
CA SER B 71 4.20 4.06 5.10
C SER B 71 5.14 4.96 4.33
N TRP B 72 6.12 4.40 3.65
CA TRP B 72 7.01 5.18 2.78
C TRP B 72 7.82 4.26 1.89
N THR B 73 8.08 4.71 0.66
CA THR B 73 8.78 3.88 -0.31
C THR B 73 10.26 3.77 0.05
N ARG B 74 10.66 2.57 0.45
CA ARG B 74 12.09 2.34 0.70
C ARG B 74 12.86 2.35 -0.63
N VAL B 75 12.54 1.44 -1.56
CA VAL B 75 13.09 1.53 -2.92
C VAL B 75 12.12 1.39 -4.10
N ALA B 76 12.47 2.09 -5.18
CA ALA B 76 11.73 2.01 -6.40
C ALA B 76 12.61 2.46 -7.54
N PHE B 77 12.97 1.51 -8.42
CA PHE B 77 13.73 1.82 -9.62
C PHE B 77 13.43 0.88 -10.80
N ALA B 78 13.91 1.27 -11.97
CA ALA B 78 13.93 0.44 -13.15
C ALA B 78 15.20 0.74 -13.94
N GLY B 79 15.87 -0.32 -14.37
CA GLY B 79 17.10 -0.22 -15.15
C GLY B 79 17.35 -1.35 -16.13
N LEU B 80 18.45 -1.24 -16.85
CA LEU B 80 18.78 -2.21 -17.87
C LEU B 80 20.08 -2.90 -17.48
N LYS B 81 20.26 -4.13 -17.97
CA LYS B 81 21.49 -4.90 -17.79
C LYS B 81 21.99 -5.24 -19.18
N PHE B 82 23.19 -4.79 -19.54
CA PHE B 82 23.84 -5.38 -20.70
C PHE B 82 24.96 -6.32 -20.23
N ALA B 83 24.99 -7.52 -20.80
CA ALA B 83 25.93 -8.57 -20.39
C ALA B 83 27.39 -8.14 -20.50
N ASP B 84 28.05 -8.09 -19.34
CA ASP B 84 29.43 -7.60 -19.16
C ASP B 84 29.59 -6.09 -19.33
N ALA B 85 28.52 -5.41 -19.70
CA ALA B 85 28.57 -3.97 -19.89
C ALA B 85 27.98 -3.25 -18.70
N GLY B 86 27.83 -3.98 -17.59
CA GLY B 86 27.29 -3.41 -16.36
C GLY B 86 25.79 -3.17 -16.43
N SER B 87 25.29 -2.31 -15.53
CA SER B 87 23.84 -2.14 -15.36
C SER B 87 23.44 -0.76 -14.87
N PHE B 88 22.56 -0.10 -15.62
CA PHE B 88 22.03 1.19 -15.20
C PHE B 88 20.64 1.12 -14.58
N ASP B 89 20.44 1.85 -13.49
CA ASP B 89 19.13 1.95 -12.85
C ASP B 89 18.99 3.22 -12.05
N TYR B 90 18.02 4.03 -12.48
CA TYR B 90 17.73 5.32 -11.87
C TYR B 90 16.42 5.31 -11.13
N GLY B 91 16.40 5.97 -9.98
CA GLY B 91 15.18 6.10 -9.18
C GLY B 91 15.41 6.05 -7.68
N ARG B 92 14.33 5.94 -6.94
CA ARG B 92 14.40 5.75 -5.48
C ARG B 92 15.27 4.54 -5.13
N ASN B 93 16.57 4.75 -5.12
CA ASN B 93 17.50 3.66 -5.11
C ASN B 93 18.44 3.89 -3.95
N TYR B 94 19.25 2.87 -3.65
CA TYR B 94 20.27 2.97 -2.63
C TYR B 94 21.39 3.94 -3.03
N GLY B 95 22.16 4.43 -2.05
CA GLY B 95 23.33 5.25 -2.34
C GLY B 95 24.64 4.49 -2.55
N VAL B 96 25.58 5.14 -3.23
CA VAL B 96 26.85 4.51 -3.59
C VAL B 96 27.73 4.35 -2.38
N THR B 97 27.55 5.19 -1.34
CA THR B 97 28.34 5.03 -0.08
C THR B 97 27.95 3.74 0.63
N TYR B 98 26.70 3.32 0.42
CA TYR B 98 26.17 2.13 1.09
C TYR B 98 26.86 0.83 0.70
N ASP B 99 27.31 0.73 -0.56
CA ASP B 99 28.06 -0.43 -1.03
C ASP B 99 29.02 -0.88 0.08
N VAL B 100 29.92 0.02 0.46
CA VAL B 100 30.94 -0.24 1.45
C VAL B 100 30.40 -0.20 2.88
N THR B 101 29.61 0.84 3.18
CA THR B 101 29.00 1.03 4.51
C THR B 101 28.17 -0.17 4.98
N SER B 102 27.60 -0.90 4.01
CA SER B 102 26.63 -1.97 4.26
C SER B 102 27.18 -3.12 5.06
N TRP B 103 28.40 -3.53 4.73
CA TRP B 103 29.03 -4.68 5.35
C TRP B 103 28.92 -4.65 6.87
N THR B 104 28.80 -3.45 7.43
CA THR B 104 28.61 -3.28 8.88
C THR B 104 27.16 -3.33 9.38
N ASP B 105 26.20 -3.20 8.46
CA ASP B 105 24.79 -3.30 8.85
C ASP B 105 24.34 -4.77 8.85
N VAL B 106 24.91 -5.55 9.77
CA VAL B 106 24.54 -6.96 9.89
C VAL B 106 23.92 -7.31 11.25
N LEU B 107 23.75 -6.31 12.12
CA LEU B 107 23.26 -6.55 13.48
C LEU B 107 21.85 -7.19 13.48
N PRO B 108 21.46 -7.88 14.57
CA PRO B 108 20.12 -8.47 14.58
C PRO B 108 19.02 -7.41 14.41
N GLU B 109 19.19 -6.26 15.07
CA GLU B 109 18.25 -5.14 14.98
C GLU B 109 18.89 -3.78 14.67
N PHE B 110 19.76 -3.27 15.56
CA PHE B 110 20.25 -1.87 15.46
C PHE B 110 21.65 -1.73 14.86
N GLY B 111 21.75 -1.74 13.54
CA GLY B 111 23.04 -1.65 12.86
C GLY B 111 23.21 -0.46 11.93
N GLY B 112 24.48 -0.13 11.66
CA GLY B 112 24.83 1.00 10.80
C GLY B 112 24.59 2.33 11.51
N ASP B 113 23.39 2.87 11.36
CA ASP B 113 22.89 4.07 12.09
C ASP B 113 23.87 5.27 12.32
N THR B 114 24.99 5.31 11.61
CA THR B 114 25.84 6.50 11.57
C THR B 114 25.46 7.32 10.33
N TYR B 115 24.28 6.98 9.79
CA TYR B 115 23.72 7.50 8.56
C TYR B 115 22.26 7.05 8.55
N GLY B 116 21.35 7.97 8.27
CA GLY B 116 19.93 7.61 8.10
C GLY B 116 19.64 7.38 6.63
N ALA B 117 18.37 7.16 6.29
CA ALA B 117 17.95 7.11 4.88
C ALA B 117 17.66 8.53 4.40
N ASP B 118 18.17 8.89 3.22
CA ASP B 118 18.05 10.26 2.68
C ASP B 118 19.12 11.16 3.26
N ASN B 119 19.96 10.57 4.09
CA ASN B 119 20.98 11.31 4.80
C ASN B 119 22.15 11.62 3.86
N PHE B 120 21.83 12.23 2.72
CA PHE B 120 22.80 12.63 1.68
C PHE B 120 23.52 11.45 1.05
N MET B 121 22.77 10.48 0.54
CA MET B 121 23.32 9.34 -0.25
C MET B 121 24.12 8.23 0.46
N GLN B 122 24.38 8.36 1.77
CA GLN B 122 25.09 7.32 2.54
C GLN B 122 24.24 6.04 2.66
N GLN B 123 22.96 6.20 2.35
CA GLN B 123 21.99 5.13 2.29
C GLN B 123 20.97 5.46 1.19
N ARG B 124 19.69 5.23 1.43
CA ARG B 124 18.64 5.40 0.43
C ARG B 124 18.61 6.81 -0.09
N GLY B 125 17.70 7.08 -1.02
CA GLY B 125 17.50 8.44 -1.54
C GLY B 125 16.51 8.57 -2.68
N ASN B 126 16.65 9.64 -3.48
CA ASN B 126 15.72 9.93 -4.56
C ASN B 126 16.36 10.66 -5.75
N GLY B 127 16.18 10.12 -6.95
CA GLY B 127 16.82 10.66 -8.14
C GLY B 127 18.09 9.92 -8.52
N TYR B 128 18.47 8.94 -7.69
CA TYR B 128 19.75 8.20 -7.78
C TYR B 128 20.01 7.46 -9.09
N ALA B 129 20.46 8.19 -10.12
CA ALA B 129 20.94 7.56 -11.36
C ALA B 129 22.25 6.79 -11.10
N THR B 130 22.33 5.57 -11.59
CA THR B 130 23.42 4.67 -11.22
C THR B 130 23.84 3.74 -12.35
N TYR B 131 25.15 3.52 -12.48
CA TYR B 131 25.66 2.47 -13.36
C TYR B 131 26.67 1.68 -12.54
N ARG B 132 26.33 0.45 -12.22
CA ARG B 132 27.28 -0.43 -11.55
C ARG B 132 27.85 -1.48 -12.52
N ASN B 133 29.11 -1.87 -12.32
CA ASN B 133 29.77 -2.83 -13.22
C ASN B 133 30.51 -3.98 -12.53
N THR B 134 29.92 -5.15 -12.63
CA THR B 134 30.31 -6.33 -11.87
C THR B 134 31.49 -7.06 -12.50
N ASP B 135 32.27 -7.77 -11.69
CA ASP B 135 33.45 -8.54 -12.15
C ASP B 135 34.45 -7.78 -13.04
N PHE B 136 34.48 -6.44 -12.90
CA PHE B 136 35.15 -5.52 -13.83
C PHE B 136 35.13 -5.94 -15.30
N PHE B 137 34.16 -5.42 -16.05
CA PHE B 137 33.97 -5.72 -17.48
C PHE B 137 34.11 -7.20 -17.87
N GLY B 138 34.05 -8.09 -16.87
CA GLY B 138 34.29 -9.51 -17.08
C GLY B 138 35.74 -9.84 -17.41
N LEU B 139 36.67 -9.10 -16.84
CA LEU B 139 38.08 -9.38 -17.02
C LEU B 139 38.78 -9.70 -15.70
N VAL B 140 38.36 -9.06 -14.61
CA VAL B 140 38.85 -9.39 -13.27
C VAL B 140 37.73 -9.97 -12.38
N ASP B 141 37.94 -11.19 -11.89
CA ASP B 141 36.97 -11.87 -11.04
C ASP B 141 36.86 -11.25 -9.65
N GLY B 142 35.73 -10.60 -9.39
CA GLY B 142 35.38 -10.09 -8.06
C GLY B 142 35.73 -8.65 -7.70
N LEU B 143 36.22 -7.90 -8.68
CA LEU B 143 36.47 -6.49 -8.48
C LEU B 143 35.37 -5.74 -9.21
N ASP B 144 34.46 -5.17 -8.43
CA ASP B 144 33.27 -4.50 -8.95
C ASP B 144 33.23 -3.03 -8.52
N PHE B 145 32.69 -2.18 -9.38
CA PHE B 145 32.66 -0.75 -9.12
C PHE B 145 31.33 -0.09 -9.45
N ALA B 146 31.09 1.07 -8.82
CA ALA B 146 29.96 1.91 -9.11
C ALA B 146 30.40 3.37 -9.24
N LEU B 147 29.75 4.08 -10.15
CA LEU B 147 29.78 5.56 -10.18
C LEU B 147 28.33 6.09 -10.37
N GLN B 148 27.86 6.74 -9.31
CA GLN B 148 26.47 7.13 -9.17
C GLN B 148 26.29 8.61 -9.40
N TYR B 149 25.04 9.05 -9.34
CA TYR B 149 24.70 10.44 -9.51
C TYR B 149 23.38 10.70 -8.79
N GLN B 150 23.23 11.87 -8.17
CA GLN B 150 22.00 12.19 -7.41
C GLN B 150 21.16 13.24 -8.07
N GLY B 151 19.94 13.37 -7.57
CA GLY B 151 19.05 14.44 -7.96
C GLY B 151 19.31 15.61 -7.02
N LYS B 152 18.24 16.33 -6.68
CA LYS B 152 18.36 17.51 -5.81
C LYS B 152 17.24 17.56 -4.76
N GLY B 171 19.97 18.28 -2.65
CA GLY B 171 20.69 18.98 -3.72
C GLY B 171 21.63 18.07 -4.50
N ASP B 172 22.13 18.58 -5.64
CA ASP B 172 23.05 17.87 -6.60
C ASP B 172 24.15 16.97 -6.00
N GLY B 173 24.79 16.12 -6.81
CA GLY B 173 25.91 15.30 -6.31
C GLY B 173 26.30 13.97 -6.98
N TYR B 174 27.38 13.36 -6.48
CA TYR B 174 27.98 12.14 -7.05
C TYR B 174 29.07 11.47 -6.17
N GLY B 175 29.29 10.17 -6.43
CA GLY B 175 30.37 9.38 -5.84
C GLY B 175 30.66 8.11 -6.64
N GLY B 176 31.25 7.12 -5.96
CA GLY B 176 31.67 5.90 -6.63
C GLY B 176 32.47 4.94 -5.77
N SER B 177 32.08 3.68 -5.80
CA SER B 177 32.70 2.65 -4.97
C SER B 177 33.57 1.66 -5.74
N LEU B 178 34.47 1.01 -5.01
CA LEU B 178 35.26 -0.10 -5.53
C LEU B 178 35.30 -1.25 -4.52
N THR B 179 34.79 -2.40 -4.93
CA THR B 179 34.76 -3.60 -4.10
C THR B 179 35.82 -4.55 -4.60
N TYR B 180 36.30 -5.44 -3.72
CA TYR B 180 37.31 -6.41 -4.08
C TYR B 180 37.32 -7.53 -3.07
N ALA B 181 36.86 -8.70 -3.51
CA ALA B 181 37.09 -9.94 -2.77
C ALA B 181 38.51 -10.37 -3.11
N ILE B 182 39.45 -9.96 -2.26
CA ILE B 182 40.88 -10.17 -2.48
C ILE B 182 41.19 -11.63 -2.78
N GLY B 183 40.21 -12.48 -2.49
CA GLY B 183 40.37 -13.91 -2.57
C GLY B 183 40.05 -14.46 -1.20
N GLU B 184 39.96 -15.79 -1.12
CA GLU B 184 39.62 -16.50 0.11
C GLU B 184 38.22 -16.11 0.61
N GLY B 185 38.15 -15.24 1.64
CA GLY B 185 36.87 -14.79 2.19
C GLY B 185 36.87 -13.31 2.52
N PHE B 186 37.98 -12.66 2.20
CA PHE B 186 38.18 -11.25 2.48
C PHE B 186 37.38 -10.36 1.54
N SER B 187 37.15 -9.12 1.97
CA SER B 187 36.54 -8.10 1.14
C SER B 187 37.03 -6.75 1.62
N VAL B 188 37.96 -6.16 0.88
CA VAL B 188 38.37 -4.78 1.12
C VAL B 188 37.36 -3.91 0.41
N GLY B 189 37.16 -2.68 0.89
CA GLY B 189 36.10 -1.84 0.33
C GLY B 189 36.29 -0.34 0.42
N GLY B 190 35.94 0.35 -0.66
CA GLY B 190 36.18 1.78 -0.74
C GLY B 190 35.25 2.56 -1.65
N ALA B 191 34.95 3.78 -1.24
CA ALA B 191 34.11 4.72 -1.99
C ALA B 191 34.41 6.16 -1.58
N ILE B 192 34.02 7.10 -2.45
CA ILE B 192 33.84 8.50 -2.07
C ILE B 192 32.45 8.94 -2.52
N THR B 193 31.99 10.06 -1.97
CA THR B 193 30.71 10.65 -2.36
C THR B 193 30.74 12.17 -2.08
N THR B 194 29.81 12.92 -2.70
CA THR B 194 29.81 14.38 -2.67
C THR B 194 28.42 14.89 -3.09
N SER B 195 27.87 15.87 -2.36
CA SER B 195 26.58 16.51 -2.78
C SER B 195 26.43 17.95 -2.24
N LYS B 196 25.72 18.82 -2.98
CA LYS B 196 25.78 20.30 -2.77
C LYS B 196 24.66 20.88 -1.88
N ALA B 216 29.43 19.02 2.03
CA ALA B 216 29.08 17.60 2.23
C ALA B 216 29.65 16.65 1.19
N THR B 217 30.71 15.95 1.61
CA THR B 217 31.41 14.99 0.81
C THR B 217 31.98 13.96 1.79
N VAL B 218 31.47 12.73 1.73
CA VAL B 218 31.84 11.67 2.69
C VAL B 218 32.45 10.43 2.00
N TYR B 219 33.59 9.97 2.53
CA TYR B 219 34.40 8.93 1.94
C TYR B 219 34.14 7.63 2.67
N THR B 220 34.67 6.52 2.19
CA THR B 220 34.42 5.25 2.87
C THR B 220 35.58 4.25 2.79
N GLY B 221 35.95 3.70 3.95
CA GLY B 221 36.96 2.66 4.03
C GLY B 221 36.47 1.60 4.99
N GLY B 222 36.74 0.34 4.65
CA GLY B 222 36.24 -0.77 5.42
C GLY B 222 36.56 -2.12 4.82
N LEU B 223 36.39 -3.15 5.67
CA LEU B 223 36.75 -4.51 5.32
C LEU B 223 35.68 -5.44 5.80
N LYS B 224 35.65 -6.62 5.20
CA LYS B 224 34.78 -7.68 5.64
C LYS B 224 35.49 -9.00 5.44
N TYR B 225 35.18 -9.96 6.30
CA TYR B 225 35.67 -11.31 6.09
C TYR B 225 34.56 -12.32 6.29
N ASP B 226 34.42 -13.17 5.27
CA ASP B 226 33.26 -14.04 5.08
C ASP B 226 33.70 -15.35 4.44
N ALA B 227 34.15 -16.30 5.26
CA ALA B 227 34.50 -17.62 4.73
C ALA B 227 33.86 -18.78 5.47
N ASN B 228 34.22 -18.98 6.74
CA ASN B 228 33.74 -20.16 7.45
C ASN B 228 32.76 -19.89 8.59
N ASN B 229 31.52 -19.61 8.17
CA ASN B 229 30.44 -19.08 9.01
C ASN B 229 30.93 -17.85 9.78
N ILE B 230 32.14 -17.42 9.45
CA ILE B 230 32.87 -16.41 10.20
C ILE B 230 32.76 -15.05 9.53
N TYR B 231 31.97 -14.19 10.15
CA TYR B 231 31.75 -12.85 9.64
C TYR B 231 32.48 -11.84 10.49
N LEU B 232 33.42 -11.14 9.87
CA LEU B 232 34.10 -10.03 10.51
C LEU B 232 34.05 -8.87 9.54
N ALA B 233 33.83 -7.66 10.06
CA ALA B 233 33.68 -6.48 9.21
C ALA B 233 33.85 -5.17 9.95
N ALA B 234 34.55 -4.24 9.32
CA ALA B 234 34.74 -2.88 9.85
C ALA B 234 34.60 -1.86 8.72
N GLN B 235 34.11 -0.67 9.07
CA GLN B 235 33.99 0.46 8.16
C GLN B 235 34.04 1.78 8.92
N TYR B 236 34.58 2.81 8.27
CA TYR B 236 34.51 4.17 8.79
C TYR B 236 34.85 5.26 7.76
N SER B 237 34.36 6.48 8.00
CA SER B 237 34.85 7.69 7.32
C SER B 237 34.51 9.01 8.00
N GLN B 238 35.13 10.07 7.49
CA GLN B 238 34.89 11.44 7.92
C GLN B 238 34.08 12.17 6.88
N THR B 239 33.51 13.32 7.26
CA THR B 239 32.57 14.03 6.41
C THR B 239 32.78 15.56 6.39
N TYR B 240 31.92 16.22 5.62
CA TYR B 240 31.65 17.67 5.70
C TYR B 240 30.27 17.93 5.06
N ALA B 263 33.19 15.58 12.78
CA ALA B 263 32.76 15.19 11.45
C ALA B 263 33.29 13.81 11.01
N GLN B 264 33.14 12.80 11.86
CA GLN B 264 33.76 11.49 11.61
C GLN B 264 33.08 10.36 12.39
N ASN B 265 32.98 9.19 11.77
CA ASN B 265 32.29 8.03 12.35
C ASN B 265 32.84 6.64 11.96
N PHE B 266 32.78 5.68 12.89
CA PHE B 266 33.26 4.31 12.66
C PHE B 266 32.31 3.22 13.16
N GLU B 267 32.38 2.05 12.53
CA GLU B 267 31.58 0.88 12.90
C GLU B 267 32.26 -0.47 12.58
N VAL B 268 32.22 -1.41 13.54
CA VAL B 268 32.77 -2.76 13.36
C VAL B 268 32.00 -3.89 14.09
N VAL B 269 31.96 -5.05 13.44
CA VAL B 269 31.08 -6.16 13.82
C VAL B 269 31.77 -7.53 13.61
N ALA B 270 31.36 -8.50 14.41
CA ALA B 270 31.82 -9.87 14.26
C ALA B 270 30.69 -10.85 14.54
N GLN B 271 30.59 -11.89 13.70
CA GLN B 271 29.51 -12.86 13.76
C GLN B 271 30.02 -14.25 13.45
N TYR B 272 29.36 -15.26 14.01
CA TYR B 272 29.56 -16.64 13.58
C TYR B 272 28.24 -17.37 13.44
N GLN B 273 28.07 -18.08 12.32
CA GLN B 273 26.84 -18.78 12.05
C GLN B 273 26.87 -20.20 12.59
N PHE B 274 26.05 -20.45 13.61
CA PHE B 274 25.92 -21.79 14.22
C PHE B 274 25.16 -22.77 13.31
N ASP B 275 25.59 -24.03 13.31
CA ASP B 275 25.02 -25.07 12.43
C ASP B 275 23.53 -25.37 12.64
N PHE B 276 23.05 -25.28 13.88
CA PHE B 276 21.62 -25.44 14.13
C PHE B 276 20.83 -24.19 13.71
N GLY B 277 21.48 -23.04 13.74
CA GLY B 277 20.90 -21.79 13.21
C GLY B 277 20.86 -20.61 14.17
N LEU B 278 22.02 -20.22 14.69
CA LEU B 278 22.11 -19.13 15.64
C LEU B 278 23.33 -18.26 15.36
N ARG B 279 23.11 -17.17 14.61
CA ARG B 279 24.19 -16.24 14.33
C ARG B 279 24.27 -15.19 15.43
N PRO B 280 25.21 -15.39 16.39
CA PRO B 280 25.53 -14.38 17.38
C PRO B 280 26.24 -13.19 16.73
N SER B 281 25.98 -11.99 17.27
CA SER B 281 26.65 -10.77 16.81
C SER B 281 26.89 -9.84 17.96
N VAL B 282 28.16 -9.67 18.28
CA VAL B 282 28.61 -8.52 19.02
C VAL B 282 29.14 -7.55 17.98
N ALA B 283 28.89 -6.27 18.20
CA ALA B 283 29.21 -5.25 17.23
C ALA B 283 29.32 -3.92 17.92
N TYR B 284 30.07 -3.02 17.31
CA TYR B 284 30.25 -1.68 17.85
C TYR B 284 30.40 -0.62 16.77
N LEU B 285 29.80 0.53 17.02
CA LEU B 285 29.91 1.71 16.17
C LEU B 285 29.88 3.01 16.97
N GLN B 286 30.48 4.06 16.40
CA GLN B 286 30.48 5.38 17.04
C GLN B 286 30.59 6.51 16.03
N SER B 287 30.12 7.68 16.44
CA SER B 287 30.33 8.91 15.70
C SER B 287 30.78 10.01 16.64
N LYS B 288 31.64 10.89 16.14
CA LYS B 288 32.13 12.05 16.88
C LYS B 288 32.08 13.29 15.96
N GLY B 289 31.90 14.49 16.52
CA GLY B 289 31.70 15.67 15.67
C GLY B 289 32.55 16.87 15.97
N LYS B 290 32.65 17.78 14.99
CA LYS B 290 33.39 19.04 15.12
C LYS B 290 32.48 20.24 15.54
N ASP B 291 32.63 21.41 14.91
CA ASP B 291 31.75 22.58 15.12
C ASP B 291 30.27 22.27 14.86
N ILE B 292 29.38 22.81 15.71
CA ILE B 292 27.94 22.45 15.67
C ILE B 292 26.92 23.66 15.70
N SER B 293 25.83 23.50 14.92
CA SER B 293 24.80 24.52 14.65
C SER B 293 23.34 24.03 14.74
N ASN B 294 22.61 24.52 15.75
CA ASN B 294 21.19 24.20 15.94
C ASN B 294 20.28 25.02 15.00
N GLY B 295 20.07 24.47 13.80
CA GLY B 295 19.25 25.09 12.75
C GLY B 295 19.81 26.44 12.36
N TYR B 296 19.39 27.48 13.10
CA TYR B 296 20.04 28.78 13.05
C TYR B 296 20.65 28.98 14.40
N GLY B 297 22.00 28.96 14.41
CA GLY B 297 22.80 29.39 15.55
C GLY B 297 23.65 28.34 16.24
N ALA B 298 23.65 28.41 17.57
CA ALA B 298 24.27 27.43 18.47
C ALA B 298 25.79 27.58 18.62
N SER B 299 26.29 27.22 19.81
CA SER B 299 27.71 26.85 19.99
C SER B 299 27.83 25.66 20.96
N TYR B 300 27.99 24.46 20.39
CA TYR B 300 27.84 23.19 21.11
C TYR B 300 29.16 22.50 21.41
N GLY B 301 30.20 22.82 20.65
CA GLY B 301 31.51 22.16 20.78
C GLY B 301 31.56 20.80 20.10
N ASP B 302 32.42 19.93 20.60
CA ASP B 302 32.67 18.60 20.01
C ASP B 302 32.21 17.47 20.93
N GLN B 303 31.17 16.75 20.52
CA GLN B 303 30.67 15.61 21.32
C GLN B 303 30.25 14.43 20.46
N ASP B 304 29.90 13.33 21.14
CA ASP B 304 29.50 12.09 20.49
C ASP B 304 28.00 12.10 20.23
N ILE B 305 27.64 11.96 18.95
CA ILE B 305 26.25 11.97 18.50
C ILE B 305 25.58 10.58 18.68
N VAL B 306 26.40 9.52 18.62
CA VAL B 306 25.99 8.15 18.97
C VAL B 306 27.23 7.25 19.14
N LYS B 307 27.34 6.59 20.29
CA LYS B 307 28.37 5.56 20.54
C LYS B 307 27.90 4.47 21.51
N TYR B 308 27.99 3.22 21.06
CA TYR B 308 27.49 2.07 21.83
C TYR B 308 28.01 0.72 21.37
N VAL B 309 28.05 -0.23 22.31
CA VAL B 309 28.42 -1.60 22.06
C VAL B 309 27.16 -2.49 22.01
N ASP B 310 27.20 -3.55 21.20
CA ASP B 310 26.02 -4.37 20.96
C ASP B 310 26.27 -5.87 21.10
N VAL B 311 25.45 -6.51 21.93
CA VAL B 311 25.28 -7.96 21.88
C VAL B 311 24.05 -8.23 21.03
N GLY B 312 23.99 -9.43 20.45
CA GLY B 312 22.83 -9.82 19.66
C GLY B 312 23.03 -11.19 19.08
N ALA B 313 21.92 -11.87 18.76
CA ALA B 313 21.95 -13.21 18.17
C ALA B 313 20.64 -13.55 17.46
N THR B 314 20.66 -13.50 16.12
CA THR B 314 19.55 -13.98 15.31
C THR B 314 19.53 -15.52 15.32
N TYR B 315 18.32 -16.07 15.44
CA TYR B 315 18.14 -17.51 15.25
C TYR B 315 17.45 -17.75 13.91
N TYR B 316 17.80 -18.86 13.29
CA TYR B 316 17.41 -19.12 11.94
C TYR B 316 16.73 -20.46 11.74
N PHE B 317 15.46 -20.51 12.13
CA PHE B 317 14.60 -21.68 11.89
C PHE B 317 14.88 -22.21 10.48
N ASN B 318 14.63 -21.34 9.51
CA ASN B 318 14.97 -21.54 8.09
C ASN B 318 15.25 -20.18 7.41
N LYS B 319 15.18 -20.13 6.08
CA LYS B 319 15.21 -18.85 5.32
C LYS B 319 13.96 -18.03 5.57
N ASN B 320 12.80 -18.69 5.52
CA ASN B 320 11.51 -18.00 5.62
C ASN B 320 11.00 -17.58 7.01
N MET B 321 11.82 -17.71 8.05
CA MET B 321 11.35 -17.50 9.40
C MET B 321 12.53 -17.36 10.35
N SER B 322 12.46 -16.36 11.23
CA SER B 322 13.57 -16.05 12.13
C SER B 322 13.13 -15.42 13.48
N THR B 323 13.79 -15.83 14.55
CA THR B 323 13.67 -15.18 15.87
C THR B 323 15.03 -14.67 16.29
N TYR B 324 15.04 -13.65 17.13
CA TYR B 324 16.23 -12.83 17.30
C TYR B 324 16.13 -11.85 18.47
N VAL B 325 17.09 -11.95 19.40
CA VAL B 325 17.18 -10.99 20.49
C VAL B 325 18.38 -10.05 20.28
N ASP B 326 18.12 -8.76 20.41
CA ASP B 326 19.14 -7.74 20.24
C ASP B 326 19.08 -6.71 21.37
N TYR B 327 20.25 -6.36 21.89
CA TYR B 327 20.38 -5.56 23.11
C TYR B 327 21.37 -4.40 22.92
N LYS B 328 20.84 -3.22 22.62
CA LYS B 328 21.64 -2.01 22.49
C LYS B 328 22.19 -1.67 23.87
N ILE B 329 23.51 -1.60 23.98
CA ILE B 329 24.17 -1.26 25.25
C ILE B 329 24.80 0.14 25.16
N ASN B 330 23.93 1.16 25.20
CA ASN B 330 24.33 2.54 24.93
C ASN B 330 25.31 3.12 25.94
N LEU B 331 26.17 4.03 25.46
CA LEU B 331 27.21 4.62 26.26
C LEU B 331 26.98 6.11 26.50
N LEU B 332 26.33 6.77 25.54
CA LEU B 332 26.13 8.22 25.60
C LEU B 332 25.49 8.70 26.91
N ASP B 333 26.10 9.73 27.51
CA ASP B 333 25.62 10.30 28.77
C ASP B 333 24.58 11.38 28.50
N LYS B 334 23.59 11.49 29.38
CA LYS B 334 22.56 12.54 29.27
C LYS B 334 23.22 13.90 29.51
N ASN B 335 23.17 14.75 28.49
CA ASN B 335 23.72 16.11 28.58
C ASN B 335 23.04 17.10 27.63
N ASP B 336 23.43 18.38 27.72
CA ASP B 336 22.93 19.47 26.85
C ASP B 336 22.86 19.16 25.36
N PHE B 337 23.60 18.14 24.92
CA PHE B 337 23.49 17.60 23.57
C PHE B 337 22.23 16.75 23.43
N THR B 338 22.25 15.60 24.12
CA THR B 338 21.24 14.56 23.95
C THR B 338 19.87 14.89 24.55
N ARG B 339 19.67 16.14 24.99
CA ARG B 339 18.35 16.58 25.45
C ARG B 339 17.55 17.24 24.31
N ASP B 340 18.13 18.25 23.67
CA ASP B 340 17.43 18.99 22.61
C ASP B 340 17.43 18.22 21.30
N ALA B 341 18.62 17.96 20.75
CA ALA B 341 18.76 17.19 19.51
C ALA B 341 18.11 15.82 19.65
N GLY B 342 17.77 15.46 20.88
CA GLY B 342 16.96 14.28 21.19
C GLY B 342 17.59 12.94 20.86
N ILE B 343 18.90 12.82 21.03
CA ILE B 343 19.61 11.55 20.84
C ILE B 343 19.31 10.63 22.01
N ASN B 344 18.90 9.41 21.70
CA ASN B 344 18.56 8.43 22.74
C ASN B 344 19.77 8.04 23.58
N THR B 345 19.66 8.27 24.88
CA THR B 345 20.76 8.05 25.81
C THR B 345 20.56 6.78 26.65
N ASP B 346 19.51 6.02 26.30
CA ASP B 346 19.13 4.78 26.99
C ASP B 346 19.55 3.55 26.22
N ASP B 347 19.99 2.52 26.94
CA ASP B 347 20.26 1.21 26.34
C ASP B 347 18.92 0.51 26.15
N ILE B 348 18.72 -0.06 24.97
CA ILE B 348 17.41 -0.56 24.55
C ILE B 348 17.44 -1.96 23.90
N VAL B 349 16.50 -2.81 24.28
CA VAL B 349 16.58 -4.24 23.96
C VAL B 349 15.31 -4.78 23.30
N ALA B 350 15.51 -5.43 22.14
CA ALA B 350 14.45 -5.81 21.20
C ALA B 350 14.20 -7.31 21.15
N LEU B 351 12.93 -7.70 20.98
CA LEU B 351 12.51 -9.12 20.95
C LEU B 351 11.36 -9.35 19.98
N GLY B 352 11.55 -10.28 19.04
CA GLY B 352 10.49 -10.55 18.07
C GLY B 352 10.63 -11.68 17.05
N LEU B 353 9.70 -11.71 16.10
CA LEU B 353 9.60 -12.77 15.12
C LEU B 353 9.47 -12.24 13.70
N VAL B 354 10.52 -12.46 12.91
CA VAL B 354 10.50 -12.10 11.50
C VAL B 354 10.04 -13.30 10.64
N TYR B 355 8.80 -13.20 10.13
CA TYR B 355 8.35 -14.14 9.09
C TYR B 355 8.55 -13.49 7.73
N GLN B 356 9.15 -14.21 6.77
CA GLN B 356 9.25 -13.64 5.43
C GLN B 356 8.90 -14.60 4.32
N PHE B 357 8.88 -14.04 3.12
CA PHE B 357 8.57 -14.80 1.91
C PHE B 357 9.27 -14.17 0.67
N ALA C 1 -6.93 -16.63 -3.20
CA ALA C 1 -5.90 -17.10 -4.21
C ALA C 1 -4.57 -17.47 -3.50
N GLU C 2 -4.44 -18.72 -3.01
CA GLU C 2 -3.10 -19.29 -2.74
C GLU C 2 -2.24 -19.20 -4.04
N ILE C 3 -1.14 -18.50 -3.92
CA ILE C 3 -0.32 -18.08 -5.04
C ILE C 3 1.00 -18.80 -4.97
N TYR C 4 1.24 -19.53 -3.90
CA TYR C 4 2.51 -20.22 -3.72
C TYR C 4 2.38 -21.44 -2.83
N ASN C 5 2.92 -22.55 -3.32
CA ASN C 5 3.08 -23.76 -2.53
C ASN C 5 4.22 -24.53 -3.13
N LYS C 6 5.28 -24.62 -2.34
CA LYS C 6 6.49 -25.30 -2.77
C LYS C 6 7.32 -25.61 -1.54
N ASP C 7 7.69 -26.89 -1.42
CA ASP C 7 8.48 -27.35 -0.28
C ASP C 7 7.82 -26.84 1.01
N GLY C 8 6.55 -27.21 1.17
CA GLY C 8 5.75 -26.87 2.34
C GLY C 8 5.85 -25.44 2.82
N ASN C 9 6.19 -24.52 1.92
CA ASN C 9 6.05 -23.09 2.19
C ASN C 9 4.85 -22.59 1.39
N LYS C 10 3.79 -22.18 2.08
CA LYS C 10 2.62 -21.68 1.38
C LYS C 10 2.59 -20.16 1.48
N LEU C 11 1.59 -19.57 0.82
CA LEU C 11 1.34 -18.12 0.78
C LEU C 11 0.00 -17.86 0.07
N ASP C 12 -0.94 -17.37 0.86
CA ASP C 12 -2.30 -17.22 0.39
C ASP C 12 -2.55 -15.75 0.38
N LEU C 13 -2.52 -15.21 -0.83
CA LEU C 13 -2.77 -13.81 -1.03
C LEU C 13 -4.26 -13.65 -1.23
N PHE C 14 -4.84 -12.74 -0.47
CA PHE C 14 -6.24 -12.48 -0.56
C PHE C 14 -6.43 -10.99 -0.68
N GLY C 15 -7.69 -10.62 -0.84
CA GLY C 15 -8.07 -9.26 -1.05
C GLY C 15 -9.50 -9.23 -1.53
N LYS C 16 -9.98 -8.04 -1.84
CA LYS C 16 -11.36 -7.84 -2.21
C LYS C 16 -11.73 -6.39 -2.32
N VAL C 17 -12.49 -6.12 -3.37
CA VAL C 17 -13.00 -4.80 -3.69
C VAL C 17 -14.49 -4.83 -3.48
N ASP C 18 -14.89 -4.25 -2.35
CA ASP C 18 -16.29 -4.20 -1.93
C ASP C 18 -16.80 -2.79 -2.04
N GLY C 19 -17.37 -2.49 -3.20
CA GLY C 19 -17.88 -1.17 -3.47
C GLY C 19 -19.29 -1.01 -2.97
N LEU C 20 -19.46 -0.29 -1.86
CA LEU C 20 -20.81 -0.05 -1.29
C LEU C 20 -21.26 1.41 -1.41
N HIS C 21 -22.59 1.62 -1.49
CA HIS C 21 -23.22 2.97 -1.44
C HIS C 21 -24.14 3.16 -0.23
N TYR C 22 -23.60 3.82 0.78
CA TYR C 22 -24.32 4.08 1.99
C TYR C 22 -25.42 5.11 1.74
N PHE C 23 -26.67 4.77 2.08
CA PHE C 23 -27.79 5.73 2.10
C PHE C 23 -28.07 6.15 3.53
N SER C 24 -28.40 7.43 3.72
CA SER C 24 -28.86 7.97 5.01
C SER C 24 -29.30 9.42 4.89
N ASP C 25 -29.78 9.98 6.01
CA ASP C 25 -30.06 11.40 6.11
C ASP C 25 -28.89 12.16 6.73
N ASP C 26 -27.93 11.40 7.27
CA ASP C 26 -26.66 11.96 7.73
C ASP C 26 -25.87 12.48 6.52
N LYS C 27 -24.86 13.32 6.76
CA LYS C 27 -23.96 13.79 5.70
C LYS C 27 -22.54 13.25 5.86
N GLY C 28 -22.31 12.53 6.96
CA GLY C 28 -21.09 11.75 7.15
C GLY C 28 -21.32 10.28 6.83
N SER C 29 -22.54 9.94 6.42
CA SER C 29 -22.90 8.56 6.10
C SER C 29 -23.36 8.39 4.66
N ASP C 30 -24.48 9.02 4.29
CA ASP C 30 -25.00 8.96 2.91
C ASP C 30 -23.95 9.42 1.90
N GLY C 31 -23.80 8.63 0.83
CA GLY C 31 -22.68 8.76 -0.12
C GLY C 31 -22.02 7.42 -0.50
N ASP C 32 -20.83 7.51 -1.10
CA ASP C 32 -20.10 6.30 -1.49
C ASP C 32 -18.99 5.93 -0.51
N GLN C 33 -18.91 4.64 -0.16
CA GLN C 33 -17.78 4.05 0.57
C GLN C 33 -17.33 2.75 -0.09
N THR C 34 -16.70 2.84 -1.25
CA THR C 34 -15.92 1.71 -1.76
C THR C 34 -14.58 1.68 -1.05
N TYR C 35 -14.47 0.76 -0.10
CA TYR C 35 -13.22 0.39 0.51
C TYR C 35 -12.72 -0.85 -0.25
N MET C 36 -11.52 -1.31 0.10
CA MET C 36 -10.94 -2.54 -0.45
C MET C 36 -9.85 -2.97 0.51
N ARG C 37 -9.45 -4.23 0.43
CA ARG C 37 -8.40 -4.71 1.32
C ARG C 37 -7.55 -5.69 0.60
N ILE C 38 -6.28 -5.71 0.97
CA ILE C 38 -5.34 -6.71 0.52
C ILE C 38 -4.90 -7.40 1.75
N GLY C 39 -4.21 -8.51 1.60
CA GLY C 39 -3.74 -9.20 2.77
C GLY C 39 -3.15 -10.54 2.50
N PHE C 40 -2.02 -10.83 3.10
CA PHE C 40 -1.44 -12.12 2.88
C PHE C 40 -1.29 -12.95 4.13
N LYS C 41 -1.76 -14.18 4.05
CA LYS C 41 -1.44 -15.23 5.01
C LYS C 41 -0.08 -15.80 4.64
N GLY C 42 0.69 -16.23 5.63
CA GLY C 42 2.02 -16.80 5.40
C GLY C 42 2.32 -18.13 6.07
N GLU C 43 3.19 -18.92 5.43
CA GLU C 43 3.48 -20.29 5.87
C GLU C 43 4.90 -20.78 5.58
N THR C 44 5.52 -21.37 6.59
CA THR C 44 6.80 -22.06 6.40
C THR C 44 6.99 -23.22 7.38
N GLN C 45 7.00 -24.45 6.85
CA GLN C 45 7.20 -25.65 7.69
C GLN C 45 8.67 -25.86 8.04
N VAL C 46 8.95 -25.83 9.34
CA VAL C 46 10.31 -25.91 9.87
C VAL C 46 10.69 -27.35 10.24
N ASN C 47 9.77 -28.04 10.93
CA ASN C 47 9.93 -29.45 11.31
C ASN C 47 8.60 -30.21 11.22
N ASP C 48 8.60 -31.47 11.66
CA ASP C 48 7.34 -32.20 11.91
C ASP C 48 6.52 -31.42 12.93
N GLN C 49 7.22 -30.77 13.86
CA GLN C 49 6.61 -30.15 15.04
C GLN C 49 6.08 -28.75 14.71
N LEU C 50 6.99 -27.82 14.41
CA LEU C 50 6.59 -26.41 14.22
C LEU C 50 6.49 -25.98 12.76
N THR C 51 5.70 -24.93 12.55
CA THR C 51 5.45 -24.35 11.23
C THR C 51 5.17 -22.86 11.41
N GLY C 52 6.23 -22.06 11.31
CA GLY C 52 6.19 -20.63 11.65
C GLY C 52 5.45 -19.74 10.68
N TYR C 53 4.19 -19.45 11.00
CA TYR C 53 3.30 -18.72 10.09
C TYR C 53 3.51 -17.21 10.20
N GLY C 54 2.67 -16.47 9.50
CA GLY C 54 2.69 -15.02 9.53
C GLY C 54 1.51 -14.51 8.75
N GLN C 55 0.94 -13.38 9.20
CA GLN C 55 -0.18 -12.78 8.49
C GLN C 55 -0.09 -11.26 8.42
N TRP C 56 -0.90 -10.68 7.54
CA TRP C 56 -0.96 -9.24 7.24
C TRP C 56 -2.24 -8.90 6.46
N GLU C 57 -2.74 -7.69 6.62
CA GLU C 57 -3.80 -7.19 5.75
C GLU C 57 -4.13 -5.74 6.07
N TYR C 58 -3.64 -4.79 5.27
CA TYR C 58 -4.11 -3.42 5.49
C TYR C 58 -5.21 -3.00 4.53
N GLN C 59 -5.93 -1.95 4.90
CA GLN C 59 -7.06 -1.42 4.15
C GLN C 59 -6.63 -0.23 3.33
N ILE C 60 -7.54 0.27 2.51
CA ILE C 60 -7.31 1.41 1.65
C ILE C 60 -8.66 1.75 1.09
N GLN C 61 -9.01 3.02 1.23
CA GLN C 61 -10.28 3.56 0.74
C GLN C 61 -10.29 3.86 -0.77
N GLY C 62 -11.43 3.66 -1.39
CA GLY C 62 -11.60 3.91 -2.82
C GLY C 62 -12.59 5.04 -3.03
N ASN C 63 -13.09 5.57 -1.92
CA ASN C 63 -13.96 6.75 -1.91
C ASN C 63 -13.17 8.03 -1.72
N GLN C 64 -12.20 8.02 -0.81
CA GLN C 64 -11.28 9.14 -0.68
C GLN C 64 -10.92 9.69 -2.05
N THR C 65 -10.93 11.01 -2.17
CA THR C 65 -10.62 11.71 -3.41
C THR C 65 -9.20 11.37 -3.92
N GLU C 66 -8.82 11.84 -5.12
CA GLU C 66 -7.42 11.64 -5.57
C GLU C 66 -6.46 12.53 -4.77
N GLY C 67 -5.21 12.09 -4.63
CA GLY C 67 -4.20 12.77 -3.81
C GLY C 67 -4.24 12.39 -2.34
N SER C 68 -5.46 12.16 -1.84
CA SER C 68 -5.71 11.74 -0.46
C SER C 68 -5.73 10.22 -0.28
N ASN C 69 -5.43 9.80 0.94
CA ASN C 69 -5.03 8.42 1.24
C ASN C 69 -5.62 7.91 2.57
N ASP C 70 -6.57 6.97 2.53
CA ASP C 70 -7.11 6.47 3.80
C ASP C 70 -6.86 4.98 4.06
N SER C 71 -5.76 4.71 4.77
CA SER C 71 -5.26 3.36 4.96
C SER C 71 -4.95 3.03 6.41
N TRP C 72 -4.96 1.74 6.74
CA TRP C 72 -4.54 1.27 8.07
C TRP C 72 -4.34 -0.23 8.09
N THR C 73 -3.20 -0.63 8.66
CA THR C 73 -2.90 -2.03 8.90
C THR C 73 -3.94 -2.57 9.85
N ARG C 74 -4.78 -3.45 9.32
CA ARG C 74 -5.78 -4.14 10.15
C ARG C 74 -5.14 -5.23 11.03
N VAL C 75 -4.37 -6.12 10.41
CA VAL C 75 -3.49 -7.06 11.13
C VAL C 75 -2.12 -7.22 10.46
N ALA C 76 -1.11 -7.42 11.27
CA ALA C 76 0.23 -7.74 10.80
C ALA C 76 1.00 -8.35 11.96
N PHE C 77 0.99 -9.69 12.01
CA PHE C 77 1.65 -10.45 13.07
C PHE C 77 2.50 -11.61 12.58
N ALA C 78 3.56 -11.88 13.33
CA ALA C 78 4.39 -13.08 13.14
C ALA C 78 4.28 -14.01 14.35
N GLY C 79 4.26 -15.32 14.09
CA GLY C 79 4.07 -16.32 15.11
C GLY C 79 4.63 -17.67 14.73
N LEU C 80 4.87 -18.51 15.74
CA LEU C 80 5.27 -19.89 15.51
C LEU C 80 4.10 -20.83 15.81
N LYS C 81 4.28 -22.10 15.45
CA LYS C 81 3.21 -23.11 15.55
C LYS C 81 3.73 -24.49 16.02
N PHE C 82 3.65 -24.76 17.33
CA PHE C 82 3.95 -26.11 17.85
C PHE C 82 2.69 -26.97 17.99
N ALA C 83 2.72 -28.13 17.32
CA ALA C 83 1.62 -29.08 17.31
C ALA C 83 1.42 -29.77 18.66
N ASP C 84 0.42 -29.29 19.39
CA ASP C 84 0.01 -29.80 20.74
C ASP C 84 0.55 -28.99 21.92
N ALA C 85 1.26 -27.90 21.64
CA ALA C 85 1.68 -26.93 22.67
C ALA C 85 1.10 -25.56 22.35
N GLY C 86 0.56 -25.42 21.14
CA GLY C 86 -0.14 -24.21 20.73
C GLY C 86 0.67 -23.32 19.83
N SER C 87 0.33 -22.03 19.85
CA SER C 87 0.86 -21.06 18.92
C SER C 87 1.02 -19.71 19.58
N PHE C 88 2.22 -19.15 19.47
CA PHE C 88 2.49 -17.80 19.95
C PHE C 88 2.65 -16.83 18.76
N ASP C 89 2.00 -15.67 18.84
CA ASP C 89 2.08 -14.68 17.76
C ASP C 89 1.99 -13.24 18.26
N TYR C 90 3.15 -12.60 18.26
CA TYR C 90 3.28 -11.22 18.69
C TYR C 90 3.13 -10.28 17.51
N GLY C 91 2.23 -9.32 17.64
CA GLY C 91 2.06 -8.26 16.63
C GLY C 91 0.68 -7.65 16.56
N ARG C 92 0.53 -6.65 15.68
CA ARG C 92 -0.77 -6.02 15.37
C ARG C 92 -1.80 -7.13 15.10
N ASN C 93 -2.55 -7.47 16.14
CA ASN C 93 -3.42 -8.65 16.10
C ASN C 93 -4.81 -8.38 16.67
N TYR C 94 -5.69 -9.38 16.63
CA TYR C 94 -6.99 -9.29 17.27
C TYR C 94 -6.84 -9.48 18.78
N GLY C 95 -7.63 -8.77 19.57
CA GLY C 95 -7.61 -8.89 21.04
C GLY C 95 -8.25 -10.18 21.54
N VAL C 96 -7.76 -10.67 22.69
CA VAL C 96 -8.18 -11.97 23.21
C VAL C 96 -9.67 -12.00 23.57
N THR C 97 -10.30 -10.83 23.62
CA THR C 97 -11.75 -10.70 23.78
C THR C 97 -12.52 -11.23 22.57
N TYR C 98 -12.00 -10.98 21.37
CA TYR C 98 -12.74 -11.22 20.12
C TYR C 98 -13.07 -12.67 19.79
N ASP C 99 -12.34 -13.61 20.40
CA ASP C 99 -12.60 -15.05 20.29
C ASP C 99 -14.08 -15.38 20.45
N VAL C 100 -14.70 -14.73 21.43
CA VAL C 100 -16.12 -14.89 21.74
C VAL C 100 -16.93 -13.80 21.04
N THR C 101 -16.73 -12.55 21.48
CA THR C 101 -17.39 -11.34 20.96
C THR C 101 -17.71 -11.43 19.47
N SER C 102 -16.86 -12.13 18.75
CA SER C 102 -16.92 -12.30 17.31
C SER C 102 -18.19 -12.96 16.82
N TRP C 103 -18.58 -14.05 17.49
CA TRP C 103 -19.66 -14.90 16.99
C TRP C 103 -20.90 -14.11 16.59
N THR C 104 -21.02 -12.90 17.13
CA THR C 104 -22.14 -12.01 16.88
C THR C 104 -21.94 -11.17 15.63
N ASP C 105 -20.69 -10.75 15.41
CA ASP C 105 -20.31 -10.00 14.22
C ASP C 105 -20.26 -10.91 13.02
N VAL C 106 -21.34 -10.92 12.25
CA VAL C 106 -21.44 -11.67 11.00
C VAL C 106 -22.39 -10.95 10.06
N LEU C 107 -22.89 -9.81 10.54
CA LEU C 107 -23.88 -9.04 9.81
C LEU C 107 -23.28 -8.61 8.49
N PRO C 108 -24.10 -8.60 7.42
CA PRO C 108 -23.72 -8.14 6.08
C PRO C 108 -22.70 -6.97 6.02
N GLU C 109 -23.03 -5.84 6.68
CA GLU C 109 -22.17 -4.63 6.69
C GLU C 109 -21.90 -4.05 8.11
N PHE C 110 -22.93 -3.58 8.81
CA PHE C 110 -22.74 -3.10 10.19
C PHE C 110 -22.92 -4.26 11.15
N GLY C 111 -22.11 -4.28 12.20
CA GLY C 111 -22.18 -5.31 13.23
C GLY C 111 -21.08 -5.11 14.25
N GLY C 112 -21.07 -5.94 15.30
CA GLY C 112 -20.14 -5.75 16.39
C GLY C 112 -20.25 -4.32 16.92
N ASP C 113 -19.37 -3.45 16.43
CA ASP C 113 -19.36 -1.98 16.67
C ASP C 113 -19.47 -1.45 18.13
N THR C 114 -19.88 -2.30 19.08
CA THR C 114 -19.97 -1.94 20.51
C THR C 114 -18.56 -1.69 21.05
N TYR C 115 -17.70 -2.68 20.87
CA TYR C 115 -16.26 -2.53 20.96
C TYR C 115 -15.81 -1.84 19.68
N GLY C 116 -14.81 -0.98 19.79
CA GLY C 116 -14.17 -0.39 18.60
C GLY C 116 -12.86 -1.11 18.28
N ALA C 117 -12.16 -0.65 17.25
CA ALA C 117 -10.81 -1.11 16.99
C ALA C 117 -9.87 -0.31 17.88
N ASP C 118 -8.82 -0.95 18.38
CA ASP C 118 -7.91 -0.34 19.36
C ASP C 118 -8.68 0.03 20.64
N ASN C 119 -9.86 -0.56 20.81
CA ASN C 119 -10.75 -0.23 21.93
C ASN C 119 -10.39 -1.00 23.19
N PHE C 120 -9.16 -0.81 23.66
CA PHE C 120 -8.60 -1.52 24.82
C PHE C 120 -8.86 -3.04 24.79
N MET C 121 -8.28 -3.70 23.79
CA MET C 121 -8.20 -5.17 23.70
C MET C 121 -9.45 -5.92 23.23
N GLN C 122 -10.61 -5.26 23.22
CA GLN C 122 -11.88 -5.91 22.85
C GLN C 122 -11.93 -6.38 21.37
N GLN C 123 -11.02 -5.83 20.57
CA GLN C 123 -10.89 -6.20 19.16
C GLN C 123 -9.44 -6.01 18.70
N ARG C 124 -9.26 -5.45 17.51
CA ARG C 124 -7.94 -5.19 16.94
C ARG C 124 -7.12 -4.14 17.72
N GLY C 125 -5.79 -4.26 17.67
CA GLY C 125 -4.87 -3.32 18.32
C GLY C 125 -3.43 -3.76 18.16
N ASN C 126 -2.51 -3.05 18.80
CA ASN C 126 -1.08 -3.26 18.56
C ASN C 126 -0.35 -3.79 19.80
N GLY C 127 0.75 -4.50 19.57
CA GLY C 127 1.59 -4.99 20.67
C GLY C 127 1.23 -6.33 21.29
N TYR C 128 0.26 -7.03 20.70
CA TYR C 128 -0.30 -8.28 21.25
C TYR C 128 0.64 -9.50 21.22
N ALA C 129 1.14 -9.90 22.39
CA ALA C 129 1.83 -11.18 22.56
C ALA C 129 0.79 -12.22 22.95
N THR C 130 0.66 -13.24 22.11
CA THR C 130 -0.48 -14.16 22.13
C THR C 130 -0.10 -15.63 22.19
N TYR C 131 -0.77 -16.36 23.08
CA TYR C 131 -0.62 -17.79 23.18
C TYR C 131 -2.01 -18.36 23.35
N ARG C 132 -2.52 -18.95 22.27
CA ARG C 132 -3.75 -19.74 22.29
C ARG C 132 -3.41 -21.23 22.19
N ASN C 133 -4.28 -22.09 22.71
CA ASN C 133 -4.10 -23.54 22.63
C ASN C 133 -5.35 -24.26 22.13
N THR C 134 -5.24 -24.86 20.95
CA THR C 134 -6.34 -25.55 20.26
C THR C 134 -6.44 -27.04 20.63
N ASP C 135 -7.68 -27.53 20.72
CA ASP C 135 -7.99 -28.91 21.17
C ASP C 135 -7.40 -29.25 22.54
N PHE C 136 -7.02 -28.20 23.29
CA PHE C 136 -6.42 -28.30 24.64
C PHE C 136 -5.34 -29.39 24.78
N PHE C 137 -4.12 -29.05 24.36
CA PHE C 137 -2.98 -29.99 24.35
C PHE C 137 -3.33 -31.37 23.73
N GLY C 138 -4.28 -31.35 22.78
CA GLY C 138 -4.71 -32.53 22.03
C GLY C 138 -5.49 -33.58 22.78
N LEU C 139 -5.85 -33.29 24.04
CA LEU C 139 -6.53 -34.29 24.90
C LEU C 139 -8.02 -34.05 25.17
N VAL C 140 -8.50 -32.83 24.90
CA VAL C 140 -9.93 -32.54 24.95
C VAL C 140 -10.44 -31.91 23.65
N ASP C 141 -11.26 -32.67 22.91
CA ASP C 141 -11.89 -32.19 21.69
C ASP C 141 -13.01 -31.19 21.99
N GLY C 142 -13.24 -30.27 21.04
CA GLY C 142 -14.32 -29.28 21.13
C GLY C 142 -13.99 -28.06 21.97
N LEU C 143 -12.70 -27.88 22.27
CA LEU C 143 -12.26 -26.84 23.20
C LEU C 143 -11.06 -26.05 22.68
N ASP C 144 -11.05 -24.75 22.99
CA ASP C 144 -9.91 -23.87 22.76
C ASP C 144 -9.79 -22.86 23.91
N PHE C 145 -8.56 -22.53 24.29
CA PHE C 145 -8.31 -21.48 25.28
C PHE C 145 -7.16 -20.54 24.87
N ALA C 146 -7.16 -19.32 25.41
CA ALA C 146 -6.11 -18.33 25.14
C ALA C 146 -5.84 -17.41 26.32
N LEU C 147 -4.56 -17.15 26.57
CA LEU C 147 -4.13 -16.18 27.57
C LEU C 147 -3.19 -15.18 26.90
N GLN C 148 -3.71 -14.00 26.60
CA GLN C 148 -2.96 -13.02 25.83
C GLN C 148 -2.32 -11.97 26.73
N TYR C 149 -1.50 -11.11 26.13
CA TYR C 149 -0.83 -10.02 26.84
C TYR C 149 -0.53 -8.83 25.91
N GLN C 150 -1.04 -7.66 26.27
CA GLN C 150 -0.87 -6.45 25.44
C GLN C 150 0.43 -5.69 25.69
N GLY C 151 0.76 -4.77 24.77
CA GLY C 151 1.86 -3.83 24.96
C GLY C 151 1.39 -2.53 25.61
N LYS C 152 1.76 -1.41 25.01
CA LYS C 152 1.29 -0.09 25.45
C LYS C 152 0.74 0.70 24.27
N GLY C 171 -1.46 1.35 26.78
CA GLY C 171 -1.04 0.96 28.12
C GLY C 171 -1.05 -0.54 28.37
N ASP C 172 -0.38 -0.96 29.45
CA ASP C 172 -0.21 -2.38 29.83
C ASP C 172 -1.53 -3.08 30.16
N GLY C 173 -1.51 -4.41 30.07
CA GLY C 173 -2.68 -5.23 30.40
C GLY C 173 -2.55 -6.70 30.04
N TYR C 174 -3.62 -7.44 30.29
CA TYR C 174 -3.67 -8.87 30.04
C TYR C 174 -5.13 -9.30 29.83
N GLY C 175 -5.30 -10.53 29.37
CA GLY C 175 -6.63 -11.14 29.28
C GLY C 175 -6.60 -12.63 28.96
N GLY C 176 -7.76 -13.25 29.09
CA GLY C 176 -7.92 -14.66 28.75
C GLY C 176 -9.21 -14.91 27.98
N SER C 177 -9.30 -16.08 27.37
CA SER C 177 -10.52 -16.52 26.69
C SER C 177 -10.62 -18.05 26.67
N LEU C 178 -11.87 -18.53 26.64
CA LEU C 178 -12.18 -19.96 26.64
C LEU C 178 -13.39 -20.25 25.76
N THR C 179 -13.14 -20.77 24.56
CA THR C 179 -14.22 -21.12 23.64
C THR C 179 -14.43 -22.63 23.67
N TYR C 180 -15.69 -23.05 23.67
CA TYR C 180 -16.01 -24.48 23.65
C TYR C 180 -17.22 -24.80 22.77
N ALA C 181 -16.95 -25.42 21.61
CA ALA C 181 -17.99 -26.02 20.80
C ALA C 181 -18.39 -27.30 21.50
N ILE C 182 -19.57 -27.28 22.13
CA ILE C 182 -19.98 -28.33 23.07
C ILE C 182 -20.72 -29.48 22.39
N GLY C 183 -20.12 -30.06 21.35
CA GLY C 183 -20.78 -31.10 20.56
C GLY C 183 -21.92 -30.50 19.74
N GLU C 184 -22.46 -31.30 18.81
CA GLU C 184 -23.51 -30.83 17.91
C GLU C 184 -23.08 -29.50 17.23
N GLY C 185 -23.79 -28.41 17.53
CA GLY C 185 -23.55 -27.11 16.90
C GLY C 185 -23.62 -25.97 17.89
N PHE C 186 -23.56 -26.30 19.16
CA PHE C 186 -23.58 -25.31 20.20
C PHE C 186 -22.17 -24.94 20.59
N SER C 187 -21.91 -23.63 20.67
CA SER C 187 -20.63 -23.11 21.11
C SER C 187 -20.83 -22.16 22.29
N VAL C 188 -20.12 -22.42 23.38
CA VAL C 188 -20.10 -21.51 24.52
C VAL C 188 -18.78 -20.73 24.53
N GLY C 189 -18.89 -19.42 24.71
CA GLY C 189 -17.71 -18.57 24.73
C GLY C 189 -17.64 -17.66 25.94
N GLY C 190 -16.50 -17.74 26.63
CA GLY C 190 -16.20 -16.84 27.74
C GLY C 190 -14.85 -16.19 27.53
N ALA C 191 -14.71 -14.94 27.93
CA ALA C 191 -13.45 -14.21 27.78
C ALA C 191 -13.34 -13.03 28.75
N ILE C 192 -12.10 -12.70 29.12
CA ILE C 192 -11.81 -11.59 30.05
C ILE C 192 -10.54 -10.84 29.64
N THR C 193 -10.55 -9.53 29.85
CA THR C 193 -9.38 -8.67 29.64
C THR C 193 -9.31 -7.57 30.68
N THR C 194 -8.09 -7.17 31.06
CA THR C 194 -7.88 -6.20 32.15
C THR C 194 -6.67 -5.29 31.95
N SER C 195 -6.84 -4.20 31.21
CA SER C 195 -5.78 -3.18 31.16
C SER C 195 -5.98 -2.19 32.32
N LYS C 196 -4.95 -1.42 32.66
CA LYS C 196 -4.97 -0.60 33.87
C LYS C 196 -5.21 0.89 33.56
N ALA C 216 -9.26 -0.25 33.90
CA ALA C 216 -10.52 -0.74 33.35
C ALA C 216 -10.45 -2.19 32.84
N THR C 217 -11.38 -3.00 33.34
CA THR C 217 -11.45 -4.43 32.99
C THR C 217 -12.62 -4.69 32.05
N VAL C 218 -12.76 -5.93 31.59
CA VAL C 218 -13.85 -6.33 30.70
C VAL C 218 -14.03 -7.87 30.57
N TYR C 219 -15.23 -8.33 30.96
CA TYR C 219 -15.64 -9.73 30.81
C TYR C 219 -16.14 -9.94 29.38
N THR C 220 -16.71 -11.11 29.09
CA THR C 220 -17.31 -11.36 27.77
C THR C 220 -17.98 -12.73 27.70
N GLY C 221 -19.24 -12.75 27.26
CA GLY C 221 -20.01 -13.98 27.24
C GLY C 221 -20.88 -14.10 26.01
N GLY C 222 -20.62 -15.14 25.20
CA GLY C 222 -21.34 -15.37 23.96
C GLY C 222 -21.72 -16.82 23.71
N LEU C 223 -22.75 -17.00 22.89
CA LEU C 223 -23.25 -18.32 22.54
C LEU C 223 -23.59 -18.38 21.05
N LYS C 224 -22.92 -19.26 20.32
CA LYS C 224 -23.26 -19.47 18.91
C LYS C 224 -23.85 -20.84 18.68
N TYR C 225 -24.86 -20.90 17.83
CA TYR C 225 -25.35 -22.17 17.33
C TYR C 225 -24.98 -22.30 15.87
N ASP C 226 -24.51 -23.49 15.50
CA ASP C 226 -23.96 -23.72 14.17
C ASP C 226 -24.20 -25.13 13.65
N ALA C 227 -25.24 -25.26 12.84
CA ALA C 227 -25.52 -26.50 12.14
C ALA C 227 -26.45 -26.16 10.98
N ASN C 228 -27.41 -27.13 10.76
CA ASN C 228 -28.24 -27.11 9.55
C ASN C 228 -28.78 -25.76 9.10
N ASN C 229 -27.87 -25.01 8.46
CA ASN C 229 -28.18 -23.77 7.77
C ASN C 229 -28.70 -22.70 8.71
N ILE C 230 -28.30 -22.79 9.98
CA ILE C 230 -28.83 -21.90 11.00
C ILE C 230 -27.74 -21.32 11.89
N TYR C 231 -27.67 -19.99 11.92
CA TYR C 231 -26.78 -19.33 12.85
C TYR C 231 -27.61 -18.65 13.92
N LEU C 232 -27.17 -18.82 15.16
CA LEU C 232 -27.83 -18.16 16.29
C LEU C 232 -26.75 -17.77 17.29
N ALA C 233 -26.42 -16.49 17.33
CA ALA C 233 -25.34 -16.03 18.19
C ALA C 233 -25.67 -14.79 19.00
N ALA C 234 -25.70 -14.99 20.32
CA ALA C 234 -25.96 -13.94 21.28
C ALA C 234 -24.76 -13.83 22.21
N GLN C 235 -24.48 -12.61 22.66
CA GLN C 235 -23.32 -12.32 23.48
C GLN C 235 -23.54 -11.02 24.21
N TYR C 236 -23.02 -10.93 25.42
CA TYR C 236 -22.80 -9.63 26.03
C TYR C 236 -21.58 -9.56 26.93
N SER C 237 -21.43 -8.44 27.63
CA SER C 237 -20.28 -8.22 28.52
C SER C 237 -20.52 -7.02 29.45
N GLN C 238 -19.46 -6.60 30.15
CA GLN C 238 -19.48 -5.42 31.01
C GLN C 238 -18.07 -4.86 31.19
N THR C 239 -17.93 -3.53 31.13
CA THR C 239 -16.64 -2.86 31.24
C THR C 239 -16.51 -1.83 32.38
N TYR C 240 -15.29 -1.36 32.58
CA TYR C 240 -14.98 -0.32 33.55
C TYR C 240 -14.66 0.98 32.82
N ALA C 263 -21.73 0.68 31.69
CA ALA C 263 -20.79 0.20 30.70
C ALA C 263 -21.03 -1.28 30.36
N GLN C 264 -22.22 -1.55 29.83
CA GLN C 264 -22.68 -2.92 29.60
C GLN C 264 -23.30 -3.04 28.20
N ASN C 265 -22.98 -4.12 27.50
CA ASN C 265 -23.40 -4.25 26.10
C ASN C 265 -23.86 -5.66 25.70
N PHE C 266 -24.68 -5.74 24.64
CA PHE C 266 -25.27 -7.01 24.22
C PHE C 266 -25.59 -7.05 22.73
N GLU C 267 -25.29 -8.17 22.11
CA GLU C 267 -25.59 -8.38 20.69
C GLU C 267 -26.07 -9.80 20.36
N VAL C 268 -27.18 -9.91 19.62
CA VAL C 268 -27.79 -11.18 19.25
C VAL C 268 -28.17 -11.22 17.77
N VAL C 269 -27.90 -12.34 17.10
CA VAL C 269 -28.19 -12.47 15.68
C VAL C 269 -28.61 -13.88 15.29
N ALA C 270 -29.52 -14.00 14.32
CA ALA C 270 -29.88 -15.29 13.73
C ALA C 270 -30.12 -15.25 12.23
N GLN C 271 -29.16 -15.82 11.48
CA GLN C 271 -29.19 -15.87 10.03
C GLN C 271 -29.40 -17.29 9.56
N TYR C 272 -30.16 -17.46 8.48
CA TYR C 272 -30.36 -18.80 7.86
C TYR C 272 -29.74 -18.89 6.47
N GLN C 273 -28.96 -19.95 6.21
CA GLN C 273 -28.23 -20.07 4.94
C GLN C 273 -29.03 -20.84 3.89
N PHE C 274 -29.57 -20.13 2.89
CA PHE C 274 -30.45 -20.71 1.87
C PHE C 274 -29.75 -21.72 0.95
N ASP C 275 -30.55 -22.34 0.08
CA ASP C 275 -30.05 -23.42 -0.76
C ASP C 275 -29.62 -22.91 -2.11
N PHE C 276 -30.35 -21.92 -2.66
CA PHE C 276 -29.97 -21.26 -3.92
C PHE C 276 -28.96 -20.12 -3.73
N GLY C 277 -28.27 -20.14 -2.58
CA GLY C 277 -27.44 -19.03 -2.13
C GLY C 277 -28.33 -17.95 -1.56
N LEU C 278 -27.86 -17.26 -0.52
CA LEU C 278 -28.59 -16.14 0.16
C LEU C 278 -28.71 -16.42 1.65
N ARG C 279 -27.93 -15.71 2.44
CA ARG C 279 -28.07 -15.84 3.86
C ARG C 279 -28.78 -14.59 4.37
N PRO C 280 -30.13 -14.66 4.51
CA PRO C 280 -30.92 -13.58 5.10
C PRO C 280 -30.74 -13.52 6.62
N SER C 281 -30.52 -12.30 7.10
CA SER C 281 -30.14 -12.07 8.49
C SER C 281 -31.07 -11.16 9.25
N VAL C 282 -31.12 -11.43 10.54
CA VAL C 282 -31.85 -10.62 11.50
C VAL C 282 -31.03 -10.63 12.77
N ALA C 283 -30.95 -9.45 13.38
CA ALA C 283 -29.95 -9.22 14.41
C ALA C 283 -30.23 -7.94 15.17
N TYR C 284 -29.62 -7.84 16.34
CA TYR C 284 -29.80 -6.71 17.21
C TYR C 284 -28.67 -6.63 18.22
N LEU C 285 -28.47 -5.42 18.73
CA LEU C 285 -27.43 -5.12 19.70
C LEU C 285 -27.70 -3.81 20.44
N GLN C 286 -27.25 -3.72 21.69
CA GLN C 286 -27.39 -2.52 22.52
C GLN C 286 -26.26 -2.36 23.52
N SER C 287 -25.91 -1.10 23.82
CA SER C 287 -24.90 -0.80 24.84
C SER C 287 -25.32 0.40 25.69
N LYS C 288 -25.56 0.17 26.99
CA LYS C 288 -25.89 1.23 27.95
C LYS C 288 -24.77 1.42 28.98
N GLY C 289 -24.47 2.68 29.31
CA GLY C 289 -23.32 2.99 30.15
C GLY C 289 -23.64 3.65 31.47
N LYS C 290 -22.59 4.19 32.12
CA LYS C 290 -22.72 4.94 33.36
C LYS C 290 -22.33 6.42 33.19
N ASP C 291 -21.57 6.94 34.15
CA ASP C 291 -21.11 8.33 34.11
C ASP C 291 -19.93 8.51 33.15
N ILE C 292 -20.13 9.34 32.12
CA ILE C 292 -19.04 9.76 31.21
C ILE C 292 -18.80 11.29 31.33
N SER C 293 -17.63 11.74 30.87
CA SER C 293 -17.20 13.14 31.00
C SER C 293 -16.51 13.64 29.74
N ASN C 294 -16.89 14.83 29.25
CA ASN C 294 -16.23 15.43 28.07
C ASN C 294 -14.81 15.99 28.35
N GLY C 295 -13.79 15.18 28.04
CA GLY C 295 -12.37 15.53 28.21
C GLY C 295 -11.95 15.91 29.61
N TYR C 296 -12.13 17.19 29.95
CA TYR C 296 -11.94 17.68 31.33
C TYR C 296 -13.22 18.28 31.90
N GLY C 297 -14.25 17.43 32.04
CA GLY C 297 -15.52 17.83 32.67
C GLY C 297 -16.75 17.27 31.99
N ALA C 298 -17.92 17.79 32.39
CA ALA C 298 -19.24 17.37 31.86
C ALA C 298 -19.78 16.07 32.47
N SER C 299 -20.83 16.17 33.29
CA SER C 299 -21.48 15.00 33.92
C SER C 299 -22.70 14.45 33.15
N TYR C 300 -22.41 13.54 32.21
CA TYR C 300 -23.39 13.00 31.24
C TYR C 300 -24.25 11.83 31.73
N GLY C 301 -24.85 11.98 32.93
CA GLY C 301 -25.75 10.99 33.55
C GLY C 301 -25.63 9.53 33.10
N ASP C 302 -26.78 8.89 32.90
CA ASP C 302 -26.82 7.51 32.41
C ASP C 302 -27.73 7.37 31.19
N GLN C 303 -27.13 6.99 30.06
CA GLN C 303 -27.86 6.86 28.81
C GLN C 303 -27.40 5.68 27.95
N ASP C 304 -27.81 5.71 26.68
CA ASP C 304 -27.44 4.68 25.72
C ASP C 304 -26.47 5.24 24.69
N ILE C 305 -25.34 4.55 24.51
CA ILE C 305 -24.46 4.79 23.37
C ILE C 305 -25.27 4.48 22.11
N VAL C 306 -25.39 3.19 21.78
CA VAL C 306 -26.08 2.71 20.56
C VAL C 306 -26.96 1.48 20.83
N LYS C 307 -28.18 1.51 20.28
CA LYS C 307 -29.10 0.38 20.29
C LYS C 307 -29.92 0.37 19.01
N TYR C 308 -29.83 -0.72 18.25
CA TYR C 308 -30.65 -0.89 17.06
C TYR C 308 -30.87 -2.33 16.64
N VAL C 309 -32.04 -2.59 16.08
CA VAL C 309 -32.30 -3.85 15.41
C VAL C 309 -31.79 -3.69 13.97
N ASP C 310 -31.27 -4.79 13.41
CA ASP C 310 -30.74 -4.79 12.06
C ASP C 310 -31.40 -5.90 11.23
N VAL C 311 -31.65 -5.59 9.96
CA VAL C 311 -31.97 -6.63 8.97
C VAL C 311 -31.01 -6.56 7.77
N GLY C 312 -30.65 -7.72 7.25
CA GLY C 312 -29.73 -7.80 6.12
C GLY C 312 -29.90 -9.05 5.28
N ALA C 313 -29.01 -9.19 4.30
CA ALA C 313 -29.00 -10.32 3.38
C ALA C 313 -27.85 -10.24 2.39
N THR C 314 -26.84 -11.09 2.57
CA THR C 314 -25.83 -11.31 1.52
C THR C 314 -26.40 -12.31 0.55
N TYR C 315 -25.99 -12.24 -0.72
CA TYR C 315 -26.31 -13.29 -1.68
C TYR C 315 -25.04 -13.73 -2.38
N TYR C 316 -24.47 -14.83 -1.92
CA TYR C 316 -23.23 -15.27 -2.53
C TYR C 316 -23.58 -15.91 -3.86
N PHE C 317 -22.95 -15.42 -4.94
CA PHE C 317 -22.99 -16.09 -6.27
C PHE C 317 -22.11 -17.33 -6.21
N ASN C 318 -20.89 -17.13 -5.73
CA ASN C 318 -20.01 -18.19 -5.34
C ASN C 318 -19.04 -17.62 -4.32
N LYS C 319 -18.03 -18.40 -3.96
CA LYS C 319 -17.12 -18.04 -2.87
C LYS C 319 -16.24 -16.79 -3.10
N ASN C 320 -16.35 -16.16 -4.27
CA ASN C 320 -15.53 -15.00 -4.62
C ASN C 320 -16.33 -13.71 -4.83
N MET C 321 -17.63 -13.86 -5.06
CA MET C 321 -18.47 -12.72 -5.38
C MET C 321 -19.69 -12.72 -4.46
N SER C 322 -20.06 -11.54 -3.99
CA SER C 322 -21.29 -11.39 -3.21
C SER C 322 -21.95 -10.10 -3.58
N THR C 323 -23.27 -10.08 -3.49
CA THR C 323 -24.02 -8.82 -3.45
C THR C 323 -24.79 -8.79 -2.13
N TYR C 324 -25.03 -7.58 -1.64
CA TYR C 324 -25.69 -7.42 -0.35
C TYR C 324 -26.42 -6.07 -0.10
N VAL C 325 -27.47 -6.12 0.72
CA VAL C 325 -28.13 -4.93 1.27
C VAL C 325 -28.20 -5.07 2.81
N ASP C 326 -28.10 -3.96 3.53
CA ASP C 326 -28.13 -4.01 4.99
C ASP C 326 -28.89 -2.81 5.55
N TYR C 327 -30.08 -3.10 6.10
CA TYR C 327 -31.02 -2.07 6.57
C TYR C 327 -30.96 -1.89 8.10
N LYS C 328 -30.03 -1.06 8.54
CA LYS C 328 -29.86 -0.68 9.95
C LYS C 328 -31.04 0.16 10.39
N ILE C 329 -31.79 -0.35 11.37
CA ILE C 329 -32.93 0.37 11.94
C ILE C 329 -32.54 0.88 13.31
N ASN C 330 -32.26 2.18 13.39
CA ASN C 330 -31.73 2.78 14.61
C ASN C 330 -32.77 3.47 15.49
N LEU C 331 -32.60 3.29 16.79
CA LEU C 331 -33.65 3.59 17.75
C LEU C 331 -33.27 4.77 18.66
N LEU C 332 -32.06 5.29 18.47
CA LEU C 332 -31.53 6.37 19.30
C LEU C 332 -32.23 7.71 19.09
N ASP C 333 -32.70 8.30 20.17
CA ASP C 333 -33.28 9.63 20.11
C ASP C 333 -32.14 10.65 20.19
N LYS C 334 -32.27 11.74 19.44
CA LYS C 334 -31.27 12.81 19.44
C LYS C 334 -31.51 13.76 20.62
N ASN C 335 -30.43 14.01 21.38
CA ASN C 335 -30.48 14.84 22.59
C ASN C 335 -29.11 15.45 22.92
N ASP C 336 -28.95 16.00 24.12
CA ASP C 336 -27.67 16.54 24.61
C ASP C 336 -26.42 15.70 24.32
N PHE C 337 -26.56 14.37 24.47
CA PHE C 337 -25.47 13.41 24.22
C PHE C 337 -25.02 13.45 22.75
N THR C 338 -25.87 12.91 21.87
CA THR C 338 -25.55 12.65 20.47
C THR C 338 -25.00 13.86 19.69
N ARG C 339 -25.29 15.07 20.19
CA ARG C 339 -24.88 16.33 19.57
C ARG C 339 -23.46 16.76 19.91
N ASP C 340 -23.04 16.54 21.16
CA ASP C 340 -21.71 16.94 21.62
C ASP C 340 -20.66 15.82 21.54
N ALA C 341 -21.04 14.69 20.95
CA ALA C 341 -20.17 13.53 20.89
C ALA C 341 -20.11 12.85 19.52
N GLY C 342 -20.87 13.40 18.57
CA GLY C 342 -20.84 12.91 17.18
C GLY C 342 -21.40 11.51 17.02
N ILE C 343 -22.39 11.20 17.86
CA ILE C 343 -23.07 9.92 17.80
C ILE C 343 -24.31 10.05 16.90
N ASN C 344 -24.52 9.05 16.05
CA ASN C 344 -25.57 9.06 15.02
C ASN C 344 -26.97 8.66 15.51
N THR C 345 -27.97 9.46 15.13
CA THR C 345 -29.39 9.25 15.50
C THR C 345 -30.19 8.56 14.37
N ASP C 346 -29.61 8.55 13.17
CA ASP C 346 -30.28 8.09 11.94
C ASP C 346 -30.27 6.58 11.73
N ASP C 347 -31.30 6.09 11.03
CA ASP C 347 -31.29 4.76 10.44
C ASP C 347 -30.87 4.84 8.97
N ILE C 348 -30.08 3.86 8.52
CA ILE C 348 -29.39 3.92 7.23
C ILE C 348 -29.48 2.59 6.43
N VAL C 349 -29.29 2.66 5.11
CA VAL C 349 -29.27 1.46 4.24
C VAL C 349 -27.94 1.31 3.50
N ALA C 350 -27.35 0.11 3.53
CA ALA C 350 -26.06 -0.16 2.86
C ALA C 350 -26.19 -1.13 1.70
N LEU C 351 -25.47 -0.86 0.61
CA LEU C 351 -25.66 -1.61 -0.62
C LEU C 351 -24.35 -1.71 -1.40
N GLY C 352 -23.71 -2.86 -1.26
CA GLY C 352 -22.43 -3.08 -1.90
C GLY C 352 -22.32 -4.39 -2.66
N LEU C 353 -21.13 -4.57 -3.25
CA LEU C 353 -20.85 -5.61 -4.25
C LEU C 353 -19.44 -6.16 -4.09
N VAL C 354 -19.17 -6.83 -2.97
CA VAL C 354 -17.88 -7.44 -2.70
C VAL C 354 -17.38 -8.31 -3.87
N TYR C 355 -16.09 -8.25 -4.13
CA TYR C 355 -15.43 -9.26 -4.95
C TYR C 355 -14.14 -9.61 -4.23
N GLN C 356 -13.89 -10.89 -4.04
CA GLN C 356 -12.70 -11.30 -3.35
C GLN C 356 -11.87 -12.31 -4.08
N PHE C 357 -10.79 -12.70 -3.42
CA PHE C 357 -9.86 -13.66 -3.92
C PHE C 357 -9.02 -14.04 -2.69
#